data_8DX2
#
_entry.id   8DX2
#
_cell.length_a   161.918
_cell.length_b   73.261
_cell.length_c   109.247
_cell.angle_alpha   90.000
_cell.angle_beta   100.379
_cell.angle_gamma   90.000
#
_symmetry.space_group_name_H-M   'C 1 2 1'
#
loop_
_entity.id
_entity.type
_entity.pdbx_description
1 polymer 'Reverse transcriptase/ribonuclease H'
2 polymer 'p51 RT'
3 non-polymer 4-{[4-({4-[(E)-2-cyanoethenyl]-2,6-dimethylphenyl}amino)pyrimidin-2-yl]amino}benzonitrile
4 non-polymer 'DIMETHYL SULFOXIDE'
5 non-polymer 1,2-ETHANEDIOL
6 non-polymer 'MAGNESIUM ION'
7 non-polymer 3-bromopyridin-4-amine
8 non-polymer 'SULFATE ION'
9 water water
#
loop_
_entity_poly.entity_id
_entity_poly.type
_entity_poly.pdbx_seq_one_letter_code
_entity_poly.pdbx_strand_id
1 'polypeptide(L)'
;MVPISPIETVPVKLKPGMDGPKVKQWPLTEEKIKALVEICTEMEKEGKISKIGPENPYNTPVFAIKKKDSTKWRKLVDFR
ELNKRTQDFWEVQLGIPHPAGLKKKKSVTVLDVGDAYFSVPLDEDFRKYTAFTIPSINNETPGIRYQYNVLPQGWKGSPA
IFQSSMTKILEPFAAQNPDIVIYQYMDDLYVGSDLEIGQHRTKIEELRQHLLRWGLTTPDKKHQKEPPFLWMGYELHPDK
WTVQPIVLPEKDSWTVNDIQKLVGKLNWASQIYPGIKVRQLSKLLRGTKALTEVIPLTEEAELELAENREILKEPVHGVY
YDPSKDLIAEIQKQGQGQWTYQIYQEPFKNLKTGKYARMRGAHTNDVKQLTEAVQKITTESIVIWGKTPKFKLPIQKETW
ETWWTEYWQATWIPEWEFVNTPPLVKLWYQLEKEPIVGAETFYVDGAANRETKLGKAGYVTNKGRQKVVPLTNTTNQKTE
LQAIYLALQDSGLEVNIVTDSQYALGIIQAQPDKSESELVNQIIEQLIKKEKVYLAWVPAHKGIGGNEQVDKLVSAG
;
A
2 'polypeptide(L)'
;PISPIETVPVKLKPGMDGPKVKQWPLTEEKIKALVEICTEMEKEGKISKIGPENPYNTPVFAIKKKDSTKWRKLVDFREL
NKRTQDFWEVQLGIPHPAGLKKKKSVTVLDVGDAYFSVPLDEDFRKYTAFTIPSINNETPGIRYQYNVLPQGWKGSPAIF
QSSMTKILEPFKKQNPDIVIYQYMDDLYVGSDLEIGQHRTKIEELRQHLLRWGLTTPDKKHQKEPPFLWMGYELHPDKWT
VQPIVLPEKDSWTVNDIQKLVGKLNWASQIYPGIKVRQLSKLLRGTKALTEVIPLTEEAELELAENREILKEPVHGVYYD
PSKDLIAEIQKQGQGQWTYQIYQEPFKNLKTGKYARMRGAHTNDVKQLTEAVQKITTESIVIWGKTPKFKLPIQKETWET
WWTEYWQATWIPEWEFVNTPPLVKLWYQ
;
B
#
loop_
_chem_comp.id
_chem_comp.type
_chem_comp.name
_chem_comp.formula
DMS non-polymer 'DIMETHYL SULFOXIDE' 'C2 H6 O S'
EDO non-polymer 1,2-ETHANEDIOL 'C2 H6 O2'
MG non-polymer 'MAGNESIUM ION' 'Mg 2'
SO4 non-polymer 'SULFATE ION' 'O4 S -2'
T27 non-polymer 4-{[4-({4-[(E)-2-cyanoethenyl]-2,6-dimethylphenyl}amino)pyrimidin-2-yl]amino}benzonitrile 'C22 H18 N6'
V06 non-polymer 3-bromopyridin-4-amine 'C5 H5 Br N2'
#
# COMPACT_ATOMS: atom_id res chain seq x y z
N MET A 1 29.46 42.45 22.14
CA MET A 1 28.53 41.34 21.99
C MET A 1 29.18 40.18 21.24
N VAL A 2 28.74 38.97 21.55
CA VAL A 2 29.22 37.78 20.84
C VAL A 2 28.39 37.62 19.57
N PRO A 3 29.02 37.52 18.41
CA PRO A 3 28.26 37.25 17.18
C PRO A 3 27.51 35.92 17.28
N ILE A 4 26.26 35.95 16.83
CA ILE A 4 25.45 34.75 16.74
C ILE A 4 25.13 34.51 15.28
N SER A 5 25.13 33.26 14.87
CA SER A 5 24.75 32.97 13.50
C SER A 5 23.24 33.18 13.34
N PRO A 6 22.80 33.80 12.25
CA PRO A 6 21.36 34.01 12.08
C PRO A 6 20.67 32.68 11.77
N ILE A 7 19.37 32.66 12.04
CA ILE A 7 18.55 31.49 11.65
C ILE A 7 18.01 31.88 10.27
N GLU A 8 18.30 31.09 9.26
CA GLU A 8 17.90 31.48 7.92
C GLU A 8 16.40 31.26 7.73
N THR A 9 15.76 32.20 7.03
CA THR A 9 14.35 32.33 6.69
C THR A 9 13.90 31.17 5.81
N VAL A 10 12.67 30.68 5.93
CA VAL A 10 12.06 29.82 4.92
C VAL A 10 11.28 30.71 3.96
N PRO A 11 11.55 30.65 2.66
CA PRO A 11 10.73 31.42 1.71
C PRO A 11 9.30 30.88 1.69
N VAL A 12 8.34 31.78 1.77
CA VAL A 12 6.93 31.42 1.95
C VAL A 12 6.12 32.10 0.87
N LYS A 13 5.13 31.38 0.34
CA LYS A 13 4.28 31.92 -0.71
C LYS A 13 2.83 31.77 -0.32
N LEU A 14 2.01 32.64 -0.89
CA LEU A 14 0.58 32.40 -0.93
C LEU A 14 0.29 31.37 -2.02
N LYS A 15 -0.92 30.79 -1.96
CA LYS A 15 -1.33 29.81 -2.95
C LYS A 15 -1.50 30.50 -4.30
N PRO A 16 -1.27 29.77 -5.40
CA PRO A 16 -1.33 30.39 -6.73
C PRO A 16 -2.63 31.13 -6.96
N GLY A 17 -2.52 32.32 -7.56
CA GLY A 17 -3.67 33.13 -7.90
C GLY A 17 -4.32 33.88 -6.75
N MET A 18 -3.89 33.63 -5.51
CA MET A 18 -4.52 34.19 -4.32
C MET A 18 -3.73 35.39 -3.79
N ASP A 19 -4.43 36.29 -3.14
CA ASP A 19 -3.84 37.47 -2.52
C ASP A 19 -3.96 37.33 -1.00
N GLY A 20 -3.28 38.24 -0.29
CA GLY A 20 -3.33 38.24 1.14
C GLY A 20 -4.72 38.61 1.67
N PRO A 21 -4.88 38.51 2.99
CA PRO A 21 -6.17 38.83 3.60
C PRO A 21 -6.42 40.32 3.67
N LYS A 22 -7.71 40.68 3.56
CA LYS A 22 -8.18 42.05 3.73
C LYS A 22 -9.48 41.90 4.52
N VAL A 23 -9.35 41.82 5.84
CA VAL A 23 -10.45 41.47 6.73
C VAL A 23 -10.71 42.63 7.67
N LYS A 24 -12.00 42.90 7.91
CA LYS A 24 -12.48 43.94 8.81
C LYS A 24 -11.85 43.80 10.19
N GLN A 25 -11.34 44.89 10.75
CA GLN A 25 -11.04 44.96 12.18
C GLN A 25 -12.30 45.44 12.89
N TRP A 26 -12.91 44.56 13.68
CA TRP A 26 -14.09 44.94 14.44
C TRP A 26 -13.70 45.92 15.54
N PRO A 27 -14.61 46.81 15.94
CA PRO A 27 -14.27 47.82 16.94
C PRO A 27 -14.09 47.22 18.32
N LEU A 28 -13.15 47.77 19.09
CA LEU A 28 -12.81 47.21 20.39
C LEU A 28 -13.23 48.16 21.50
N THR A 29 -13.66 47.58 22.64
CA THR A 29 -13.92 48.40 23.82
C THR A 29 -12.67 49.18 24.18
N GLU A 30 -12.89 50.37 24.75
CA GLU A 30 -11.77 51.19 25.17
C GLU A 30 -10.83 50.42 26.10
N GLU A 31 -11.38 49.52 26.91
CA GLU A 31 -10.57 48.68 27.78
C GLU A 31 -9.61 47.81 26.99
N LYS A 32 -10.12 47.06 26.02
CA LYS A 32 -9.28 46.14 25.26
C LYS A 32 -8.13 46.86 24.56
N ILE A 33 -8.39 48.08 24.07
CA ILE A 33 -7.43 48.77 23.21
C ILE A 33 -6.19 49.17 24.00
N LYS A 34 -6.36 49.76 25.18
CA LYS A 34 -5.18 50.12 25.97
C LYS A 34 -4.34 48.89 26.31
N ALA A 35 -5.00 47.75 26.52
CA ALA A 35 -4.27 46.55 26.86
C ALA A 35 -3.47 46.05 25.66
N LEU A 36 -4.04 46.15 24.46
CA LEU A 36 -3.32 45.72 23.25
C LEU A 36 -2.16 46.65 22.92
N VAL A 37 -2.28 47.93 23.27
CA VAL A 37 -1.21 48.88 23.00
C VAL A 37 0.00 48.57 23.86
N GLU A 38 -0.23 48.31 25.16
CA GLU A 38 0.87 47.93 26.04
C GLU A 38 1.47 46.60 25.61
N ILE A 39 0.62 45.61 25.31
CA ILE A 39 1.07 44.33 24.78
C ILE A 39 1.98 44.55 23.58
N CYS A 40 1.48 45.28 22.57
CA CYS A 40 2.23 45.46 21.33
C CYS A 40 3.48 46.30 21.54
N THR A 41 3.49 47.19 22.53
CA THR A 41 4.70 47.97 22.80
C THR A 41 5.83 47.07 23.29
N GLU A 42 5.51 46.08 24.13
CA GLU A 42 6.55 45.18 24.62
C GLU A 42 7.01 44.22 23.52
N MET A 43 6.07 43.70 22.72
CA MET A 43 6.46 42.83 21.60
C MET A 43 7.28 43.60 20.58
N GLU A 44 6.91 44.87 20.35
CA GLU A 44 7.69 45.70 19.43
C GLU A 44 9.08 45.96 20.01
N LYS A 45 9.17 46.13 21.33
CA LYS A 45 10.45 46.33 22.00
C LYS A 45 11.34 45.09 21.87
N GLU A 46 10.73 43.92 21.92
CA GLU A 46 11.48 42.68 21.81
C GLU A 46 11.75 42.27 20.36
N GLY A 47 11.20 42.99 19.39
CA GLY A 47 11.47 42.73 18.00
C GLY A 47 10.46 41.85 17.27
N LYS A 48 9.43 41.36 17.96
CA LYS A 48 8.49 40.43 17.34
C LYS A 48 7.65 41.07 16.23
N ILE A 49 7.31 42.35 16.37
CA ILE A 49 6.49 43.06 15.40
C ILE A 49 7.10 44.44 15.16
N SER A 50 6.71 45.06 14.04
CA SER A 50 7.09 46.45 13.74
C SER A 50 5.89 47.25 13.27
N LYS A 51 5.87 48.53 13.65
CA LYS A 51 4.89 49.47 13.12
C LYS A 51 5.08 49.62 11.61
N ILE A 52 3.98 49.67 10.88
CA ILE A 52 4.06 49.92 9.44
C ILE A 52 3.20 51.14 9.14
N GLY A 53 3.40 51.70 7.93
CA GLY A 53 2.62 52.82 7.48
C GLY A 53 1.27 52.40 6.96
N PRO A 54 0.60 53.29 6.22
CA PRO A 54 -0.74 53.00 5.69
C PRO A 54 -0.79 52.43 4.27
N GLU A 55 0.35 52.28 3.60
CA GLU A 55 0.36 51.75 2.23
C GLU A 55 -0.03 50.28 2.20
N ASN A 56 0.38 49.50 3.19
CA ASN A 56 0.11 48.07 3.22
C ASN A 56 -1.40 47.81 3.17
N PRO A 57 -1.91 47.15 2.12
CA PRO A 57 -3.36 47.00 1.95
C PRO A 57 -3.99 45.78 2.61
N TYR A 58 -3.23 45.02 3.40
CA TYR A 58 -3.68 43.78 4.01
C TYR A 58 -4.09 44.00 5.44
N ASN A 59 -4.92 43.09 5.96
CA ASN A 59 -5.35 43.19 7.34
C ASN A 59 -5.93 41.87 7.84
N THR A 60 -5.65 41.58 9.11
CA THR A 60 -6.12 40.43 9.85
C THR A 60 -6.61 40.93 11.21
N PRO A 61 -7.77 40.49 11.68
CA PRO A 61 -8.33 41.07 12.92
C PRO A 61 -7.57 40.65 14.15
N VAL A 62 -7.53 41.56 15.13
CA VAL A 62 -6.92 41.31 16.43
C VAL A 62 -8.00 41.42 17.50
N PHE A 63 -7.89 40.57 18.51
CA PHE A 63 -8.90 40.42 19.54
C PHE A 63 -8.23 40.52 20.91
N ALA A 64 -9.04 40.73 21.94
CA ALA A 64 -8.56 40.74 23.31
C ALA A 64 -9.35 39.70 24.10
N ILE A 65 -8.69 38.61 24.43
CA ILE A 65 -9.17 37.59 25.35
C ILE A 65 -8.22 37.59 26.52
N LYS A 66 -8.74 37.41 27.73
CA LYS A 66 -7.87 37.28 28.88
C LYS A 66 -8.21 36.07 29.72
N LYS A 67 -7.17 35.31 30.08
CA LYS A 67 -7.16 34.30 31.14
C LYS A 67 -8.17 34.56 32.25
N LYS A 68 -9.05 33.58 32.48
CA LYS A 68 -9.91 33.59 33.66
C LYS A 68 -9.07 33.77 34.93
N ASP A 69 -9.63 34.53 35.88
CA ASP A 69 -9.04 34.71 37.20
C ASP A 69 -7.67 35.40 37.12
N SER A 70 -7.67 36.59 36.52
CA SER A 70 -6.47 37.43 36.39
C SER A 70 -6.90 38.76 35.77
N THR A 71 -5.94 39.70 35.67
CA THR A 71 -6.25 41.05 35.18
C THR A 71 -5.22 41.62 34.19
N LYS A 72 -4.48 40.77 33.45
CA LYS A 72 -3.46 41.21 32.47
C LYS A 72 -3.75 40.63 31.09
N TRP A 73 -4.30 41.43 30.16
CA TRP A 73 -4.96 40.86 28.97
C TRP A 73 -3.98 40.09 28.07
N ARG A 74 -4.55 39.42 27.06
CA ARG A 74 -3.71 38.80 26.06
C ARG A 74 -4.32 39.01 24.68
N LYS A 75 -3.41 39.09 23.70
CA LYS A 75 -3.72 39.38 22.31
C LYS A 75 -3.86 38.09 21.52
N LEU A 76 -4.95 37.98 20.76
CA LEU A 76 -5.15 36.90 19.81
C LEU A 76 -5.35 37.53 18.43
N VAL A 77 -4.41 37.28 17.52
CA VAL A 77 -4.58 37.64 16.13
C VAL A 77 -5.21 36.45 15.43
N ASP A 78 -6.34 36.67 14.77
CA ASP A 78 -7.11 35.59 14.15
C ASP A 78 -6.68 35.44 12.70
N PHE A 79 -5.78 34.48 12.45
CA PHE A 79 -5.17 34.26 11.14
C PHE A 79 -5.94 33.30 10.25
N ARG A 80 -7.22 33.06 10.53
CA ARG A 80 -7.97 32.06 9.77
C ARG A 80 -7.97 32.38 8.27
N GLU A 81 -8.16 33.65 7.91
CA GLU A 81 -8.20 34.04 6.50
C GLU A 81 -6.84 33.87 5.83
N LEU A 82 -5.78 34.41 6.44
CA LEU A 82 -4.44 34.23 5.87
C LEU A 82 -4.08 32.75 5.75
N ASN A 83 -4.51 31.93 6.69
CA ASN A 83 -4.15 30.52 6.62
C ASN A 83 -4.79 29.85 5.41
N LYS A 84 -5.99 30.31 5.05
CA LYS A 84 -6.68 29.77 3.84
C LYS A 84 -5.83 30.07 2.60
N ARG A 85 -5.02 31.12 2.64
CA ARG A 85 -4.24 31.50 1.43
C ARG A 85 -2.79 31.02 1.53
N THR A 86 -2.31 30.65 2.71
CA THR A 86 -0.90 30.27 2.80
C THR A 86 -0.72 28.92 2.12
N GLN A 87 0.33 28.80 1.32
CA GLN A 87 0.73 27.54 0.72
C GLN A 87 0.78 26.39 1.73
N ASP A 88 0.68 25.15 1.24
CA ASP A 88 0.92 23.99 2.08
C ASP A 88 2.40 23.85 2.41
N PHE A 89 2.68 23.21 3.53
CA PHE A 89 4.04 22.92 3.94
C PHE A 89 4.22 21.43 4.17
N TRP A 90 5.48 21.02 4.25
CA TRP A 90 5.80 19.67 4.69
C TRP A 90 5.52 19.53 6.18
N GLU A 91 4.65 18.61 6.54
CA GLU A 91 4.35 18.32 7.94
C GLU A 91 5.10 17.06 8.36
N VAL A 92 5.88 17.18 9.43
CA VAL A 92 6.78 16.12 9.88
C VAL A 92 6.19 15.41 11.10
N GLN A 93 5.49 16.16 11.94
CA GLN A 93 4.94 15.61 13.18
CA GLN A 93 4.92 15.64 13.18
C GLN A 93 3.75 14.70 12.95
N LEU A 94 3.38 14.40 11.71
CA LEU A 94 2.27 13.48 11.46
C LEU A 94 2.55 12.12 12.08
N GLY A 95 3.72 11.55 11.78
CA GLY A 95 4.13 10.30 12.39
C GLY A 95 4.76 10.52 13.76
N ILE A 96 4.06 10.08 14.80
CA ILE A 96 4.51 10.25 16.18
C ILE A 96 5.15 8.94 16.65
N PRO A 97 6.27 9.00 17.38
CA PRO A 97 6.91 7.75 17.81
C PRO A 97 5.98 6.91 18.68
N HIS A 98 6.06 5.62 18.49
CA HIS A 98 5.29 4.85 19.46
C HIS A 98 6.18 4.42 20.61
N PRO A 99 5.70 4.50 21.86
CA PRO A 99 6.56 4.19 23.01
C PRO A 99 7.22 2.83 22.95
N ALA A 100 6.55 1.85 22.34
CA ALA A 100 7.11 0.50 22.24
C ALA A 100 8.32 0.42 21.31
N GLY A 101 8.60 1.46 20.52
CA GLY A 101 9.81 1.46 19.71
C GLY A 101 10.96 2.22 20.33
N LEU A 102 10.65 2.99 21.36
CA LEU A 102 11.67 3.70 22.11
C LEU A 102 12.64 2.72 22.74
N LYS A 103 13.83 3.23 23.10
CA LYS A 103 14.84 2.47 23.82
C LYS A 103 14.87 2.92 25.27
N LYS A 104 15.20 1.98 26.15
CA LYS A 104 15.36 2.34 27.56
C LYS A 104 16.50 3.34 27.76
N LYS A 105 16.27 4.34 28.61
CA LYS A 105 17.29 5.34 28.91
C LYS A 105 17.51 5.43 30.41
N LYS A 106 18.77 5.63 30.81
CA LYS A 106 19.08 5.82 32.23
C LYS A 106 18.62 7.19 32.73
N SER A 107 18.77 8.24 31.91
CA SER A 107 18.38 9.59 32.30
C SER A 107 17.74 10.27 31.10
N VAL A 108 16.74 11.10 31.37
CA VAL A 108 16.12 11.95 30.35
C VAL A 108 15.91 13.31 30.97
N THR A 109 16.60 14.32 30.46
CA THR A 109 16.49 15.65 31.03
C THR A 109 15.78 16.55 30.02
N VAL A 110 15.05 17.54 30.55
CA VAL A 110 14.21 18.41 29.75
C VAL A 110 14.79 19.82 29.79
N LEU A 111 14.87 20.45 28.63
CA LEU A 111 15.33 21.84 28.49
C LEU A 111 14.21 22.68 27.91
N ASP A 112 14.10 23.91 28.41
CA ASP A 112 13.10 24.88 27.95
C ASP A 112 13.65 25.71 26.80
N VAL A 113 12.90 25.79 25.70
CA VAL A 113 13.35 26.38 24.44
C VAL A 113 12.29 27.37 23.98
N GLY A 114 11.46 27.83 24.92
CA GLY A 114 10.52 28.91 24.64
C GLY A 114 11.14 30.13 23.98
N ASP A 115 12.39 30.46 24.30
CA ASP A 115 13.04 31.67 23.73
C ASP A 115 13.15 31.55 22.21
N ALA A 116 13.40 30.35 21.69
CA ALA A 116 13.63 30.19 20.24
C ALA A 116 12.40 30.50 19.38
N TYR A 117 11.21 30.05 19.77
CA TYR A 117 10.02 30.23 18.89
C TYR A 117 9.94 31.66 18.38
N PHE A 118 10.18 32.63 19.26
CA PHE A 118 10.02 34.06 18.89
C PHE A 118 11.32 34.62 18.33
N SER A 119 12.37 33.81 18.15
CA SER A 119 13.54 34.41 17.51
C SER A 119 13.65 33.79 16.11
N VAL A 120 12.64 33.02 15.72
CA VAL A 120 12.66 32.44 14.35
C VAL A 120 12.08 33.48 13.40
N PRO A 121 12.92 34.08 12.56
CA PRO A 121 12.47 35.12 11.68
C PRO A 121 11.49 34.66 10.61
N LEU A 122 10.52 35.50 10.28
CA LEU A 122 9.58 35.22 9.19
C LEU A 122 10.15 35.82 7.90
N ASP A 123 10.09 35.05 6.81
CA ASP A 123 10.49 35.50 5.48
C ASP A 123 10.05 36.93 5.22
N GLU A 124 11.01 37.78 4.88
CA GLU A 124 10.76 39.21 4.76
C GLU A 124 9.66 39.52 3.75
N ASP A 125 9.63 38.82 2.60
CA ASP A 125 8.63 39.13 1.58
C ASP A 125 7.22 38.74 2.01
N PHE A 126 7.08 37.85 2.99
CA PHE A 126 5.76 37.41 3.45
C PHE A 126 5.19 38.28 4.56
N ARG A 127 6.04 39.04 5.27
CA ARG A 127 5.59 39.75 6.46
C ARG A 127 4.38 40.63 6.20
N LYS A 128 4.31 41.26 5.01
CA LYS A 128 3.22 42.19 4.73
C LYS A 128 1.85 41.53 4.86
N TYR A 129 1.76 40.24 4.56
CA TYR A 129 0.48 39.57 4.68
C TYR A 129 0.05 39.40 6.14
N THR A 130 0.92 39.68 7.11
CA THR A 130 0.57 39.50 8.54
C THR A 130 0.05 40.77 9.20
N ALA A 131 -0.23 41.83 8.43
CA ALA A 131 -0.60 43.12 8.99
C ALA A 131 -1.89 43.06 9.83
N PHE A 132 -1.87 43.76 10.98
CA PHE A 132 -3.05 43.89 11.82
C PHE A 132 -3.14 45.32 12.35
N THR A 133 -4.30 45.68 12.89
CA THR A 133 -4.63 47.06 13.28
C THR A 133 -5.20 47.09 14.69
N ILE A 134 -4.54 47.79 15.60
CA ILE A 134 -5.17 48.12 16.87
C ILE A 134 -6.13 49.29 16.63
N PRO A 135 -7.41 49.16 16.96
CA PRO A 135 -8.34 50.28 16.72
C PRO A 135 -7.99 51.48 17.59
N SER A 136 -8.32 52.67 17.10
CA SER A 136 -8.00 53.86 17.87
C SER A 136 -9.10 54.16 18.87
N ILE A 137 -8.71 54.77 19.99
CA ILE A 137 -9.66 55.24 20.99
C ILE A 137 -10.70 56.14 20.32
N ASN A 138 -11.98 55.81 20.47
CA ASN A 138 -13.10 56.57 19.91
C ASN A 138 -13.05 56.66 18.38
N ASN A 139 -12.14 55.94 17.73
CA ASN A 139 -11.96 55.91 16.27
C ASN A 139 -11.74 57.32 15.69
N GLU A 140 -10.95 58.12 16.40
CA GLU A 140 -10.71 59.51 16.01
C GLU A 140 -9.32 59.72 15.42
N THR A 141 -8.49 58.69 15.40
CA THR A 141 -7.19 58.68 14.73
C THR A 141 -7.08 57.40 13.94
N PRO A 142 -6.10 57.29 13.04
CA PRO A 142 -5.84 56.00 12.39
C PRO A 142 -5.45 54.96 13.43
N GLY A 143 -5.95 53.75 13.24
CA GLY A 143 -5.48 52.64 14.05
C GLY A 143 -3.99 52.41 13.87
N ILE A 144 -3.37 51.84 14.89
CA ILE A 144 -1.92 51.57 14.87
C ILE A 144 -1.68 50.28 14.10
N ARG A 145 -0.90 50.35 13.03
CA ARG A 145 -0.69 49.23 12.12
C ARG A 145 0.64 48.55 12.42
N TYR A 146 0.62 47.22 12.54
CA TYR A 146 1.79 46.41 12.83
C TYR A 146 1.83 45.24 11.85
N GLN A 147 3.05 44.71 11.65
CA GLN A 147 3.23 43.40 11.00
C GLN A 147 4.25 42.58 11.78
N TYR A 148 4.21 41.27 11.58
CA TYR A 148 5.09 40.36 12.29
C TYR A 148 6.45 40.27 11.62
N ASN A 149 7.50 40.20 12.44
CA ASN A 149 8.83 39.83 11.99
C ASN A 149 9.20 38.39 12.34
N VAL A 150 8.38 37.71 13.13
CA VAL A 150 8.67 36.34 13.53
C VAL A 150 7.45 35.49 13.23
N LEU A 151 7.63 34.17 13.35
CA LEU A 151 6.53 33.23 13.19
C LEU A 151 5.43 33.58 14.18
N PRO A 152 4.22 33.90 13.72
CA PRO A 152 3.14 34.26 14.65
C PRO A 152 2.46 33.03 15.20
N GLN A 153 2.07 33.12 16.47
CA GLN A 153 1.16 32.16 17.06
C GLN A 153 -0.09 32.03 16.19
N GLY A 154 -0.41 30.84 15.74
CA GLY A 154 -1.66 30.61 15.04
C GLY A 154 -1.60 30.66 13.53
N TRP A 155 -0.47 31.05 12.95
CA TRP A 155 -0.35 31.06 11.50
C TRP A 155 0.03 29.67 10.99
N LYS A 156 -0.42 29.37 9.77
CA LYS A 156 -0.37 28.01 9.24
C LYS A 156 1.07 27.49 9.14
N GLY A 157 2.02 28.36 8.83
CA GLY A 157 3.39 27.90 8.59
C GLY A 157 4.29 27.84 9.79
N SER A 158 3.84 28.34 10.94
CA SER A 158 4.70 28.42 12.12
C SER A 158 5.15 27.06 12.65
N PRO A 159 4.26 26.05 12.84
CA PRO A 159 4.77 24.76 13.33
C PRO A 159 5.83 24.15 12.44
N ALA A 160 5.59 24.07 11.12
CA ALA A 160 6.56 23.39 10.26
C ALA A 160 7.85 24.19 10.09
N ILE A 161 7.77 25.52 10.10
N ILE A 161 7.87 25.53 10.09
CA ILE A 161 8.99 26.33 9.99
CA ILE A 161 9.08 26.34 9.97
C ILE A 161 9.77 26.27 11.29
C ILE A 161 9.87 26.29 11.28
N PHE A 162 9.07 26.35 12.43
CA PHE A 162 9.77 26.25 13.70
C PHE A 162 10.49 24.91 13.84
N GLN A 163 9.79 23.81 13.54
CA GLN A 163 10.39 22.49 13.69
C GLN A 163 11.60 22.32 12.79
N SER A 164 11.50 22.72 11.53
CA SER A 164 12.64 22.58 10.64
C SER A 164 13.79 23.51 11.03
N SER A 165 13.50 24.67 11.61
CA SER A 165 14.60 25.51 12.09
C SER A 165 15.30 24.86 13.29
N MET A 166 14.54 24.26 14.21
CA MET A 166 15.18 23.58 15.33
C MET A 166 15.95 22.35 14.86
N THR A 167 15.41 21.63 13.89
CA THR A 167 16.11 20.44 13.39
C THR A 167 17.49 20.81 12.88
N LYS A 168 17.57 21.88 12.09
CA LYS A 168 18.84 22.30 11.53
C LYS A 168 19.84 22.64 12.62
N ILE A 169 19.36 23.23 13.72
CA ILE A 169 20.26 23.57 14.85
C ILE A 169 20.75 22.29 15.53
N LEU A 170 19.83 21.36 15.80
CA LEU A 170 20.13 20.20 16.63
C LEU A 170 20.88 19.10 15.88
N GLU A 171 20.64 19.02 14.58
N GLU A 171 20.80 19.03 14.55
CA GLU A 171 21.26 18.02 13.72
CA GLU A 171 21.35 17.90 13.78
C GLU A 171 22.74 17.75 14.00
C GLU A 171 22.86 17.74 13.93
N PRO A 172 23.59 18.76 13.81
CA PRO A 172 25.03 18.55 14.04
C PRO A 172 25.33 18.14 15.47
N PHE A 173 24.59 18.66 16.44
CA PHE A 173 24.82 18.23 17.82
C PHE A 173 24.54 16.74 17.99
N ALA A 174 23.37 16.30 17.53
CA ALA A 174 23.03 14.88 17.64
C ALA A 174 24.03 14.02 16.87
N ALA A 175 24.42 14.48 15.67
CA ALA A 175 25.33 13.67 14.85
C ALA A 175 26.69 13.50 15.52
N GLN A 176 27.21 14.54 16.16
CA GLN A 176 28.49 14.44 16.81
C GLN A 176 28.39 13.92 18.24
N ASN A 177 27.17 13.65 18.73
CA ASN A 177 26.98 13.03 20.05
C ASN A 177 26.05 11.84 19.92
N PRO A 178 26.50 10.76 19.28
CA PRO A 178 25.63 9.60 19.03
C PRO A 178 25.27 8.82 20.28
N ASP A 179 25.74 9.19 21.48
CA ASP A 179 25.37 8.47 22.69
C ASP A 179 24.19 9.12 23.39
N ILE A 180 23.48 10.02 22.73
CA ILE A 180 22.26 10.60 23.27
C ILE A 180 21.19 10.58 22.20
N VAL A 181 19.95 10.74 22.64
CA VAL A 181 18.83 10.97 21.73
C VAL A 181 18.25 12.32 22.09
N ILE A 182 17.71 13.00 21.09
CA ILE A 182 17.09 14.29 21.30
C ILE A 182 15.73 14.29 20.63
N TYR A 183 14.75 14.87 21.30
CA TYR A 183 13.40 14.98 20.74
C TYR A 183 12.83 16.30 21.19
N GLN A 184 12.25 17.05 20.25
CA GLN A 184 11.65 18.34 20.53
C GLN A 184 10.14 18.23 20.48
N TYR A 185 9.48 18.88 21.42
CA TYR A 185 8.01 18.85 21.49
C TYR A 185 7.56 20.22 21.98
N MET A 186 7.11 21.07 21.07
CA MET A 186 6.75 22.46 21.34
C MET A 186 8.01 23.14 21.90
N ASP A 187 7.94 23.80 23.05
CA ASP A 187 9.09 24.54 23.58
C ASP A 187 9.88 23.73 24.60
N ASP A 188 9.89 22.41 24.44
CA ASP A 188 10.66 21.51 25.28
C ASP A 188 11.61 20.69 24.43
N LEU A 189 12.82 20.49 24.95
CA LEU A 189 13.83 19.60 24.39
C LEU A 189 14.05 18.48 25.39
N TYR A 190 14.03 17.24 24.91
CA TYR A 190 14.27 16.08 25.76
C TYR A 190 15.53 15.39 25.29
N VAL A 191 16.46 15.13 26.22
CA VAL A 191 17.71 14.47 25.89
C VAL A 191 17.84 13.27 26.80
N GLY A 192 17.94 12.09 26.22
CA GLY A 192 18.08 10.86 26.97
C GLY A 192 19.43 10.26 26.68
N SER A 193 19.98 9.56 27.66
CA SER A 193 21.21 8.84 27.44
C SER A 193 21.31 7.73 28.46
N ASP A 194 22.26 6.82 28.20
CA ASP A 194 22.68 5.82 29.17
C ASP A 194 24.01 6.16 29.79
N LEU A 195 24.44 7.41 29.71
CA LEU A 195 25.71 7.78 30.29
C LEU A 195 25.64 7.81 31.79
N GLU A 196 26.79 7.63 32.42
CA GLU A 196 26.88 7.88 33.86
C GLU A 196 26.50 9.33 34.10
N ILE A 197 25.86 9.59 35.24
CA ILE A 197 25.42 10.94 35.60
C ILE A 197 26.44 11.99 35.17
N GLY A 198 27.74 11.70 35.37
CA GLY A 198 28.84 12.50 34.89
C GLY A 198 28.70 13.07 33.51
N GLN A 199 29.02 12.27 32.48
CA GLN A 199 29.01 12.81 31.12
C GLN A 199 27.60 13.18 30.66
N HIS A 200 26.56 12.63 31.28
CA HIS A 200 25.21 13.00 30.87
C HIS A 200 24.97 14.49 31.10
N ARG A 201 25.30 14.96 32.32
CA ARG A 201 25.10 16.39 32.68
C ARG A 201 26.04 17.26 31.83
N THR A 202 27.25 16.78 31.56
CA THR A 202 28.15 17.51 30.68
C THR A 202 27.55 17.65 29.29
N LYS A 203 27.06 16.55 28.73
CA LYS A 203 26.34 16.62 27.45
C LYS A 203 25.23 17.66 27.48
N ILE A 204 24.48 17.74 28.58
CA ILE A 204 23.44 18.78 28.71
C ILE A 204 24.04 20.17 28.52
N GLU A 205 25.17 20.43 29.19
CA GLU A 205 25.76 21.76 29.13
C GLU A 205 26.29 22.08 27.74
N GLU A 206 26.91 21.10 27.08
CA GLU A 206 27.35 21.26 25.70
C GLU A 206 26.20 21.71 24.81
N LEU A 207 25.04 21.06 25.01
CA LEU A 207 23.86 21.39 24.21
C LEU A 207 23.45 22.85 24.44
N ARG A 208 23.41 23.28 25.70
CA ARG A 208 23.15 24.68 26.01
C ARG A 208 24.16 25.60 25.33
N GLN A 209 25.44 25.23 25.40
CA GLN A 209 26.47 26.02 24.74
C GLN A 209 26.25 26.05 23.23
N HIS A 210 25.93 24.90 22.64
CA HIS A 210 25.63 24.82 21.21
C HIS A 210 24.45 25.72 20.86
N LEU A 211 23.38 25.69 21.66
CA LEU A 211 22.23 26.54 21.39
C LEU A 211 22.62 28.01 21.47
N LEU A 212 23.51 28.37 22.39
CA LEU A 212 23.89 29.77 22.53
C LEU A 212 24.49 30.32 21.24
N ARG A 213 25.05 29.47 20.37
CA ARG A 213 25.65 29.87 19.06
C ARG A 213 24.62 30.63 18.22
N TRP A 214 23.35 30.30 18.42
CA TRP A 214 22.28 31.00 17.74
C TRP A 214 21.62 32.05 18.63
N GLY A 215 22.17 32.29 19.82
CA GLY A 215 21.56 33.21 20.74
C GLY A 215 20.35 32.68 21.47
N LEU A 216 20.14 31.36 21.38
CA LEU A 216 18.99 30.73 22.06
C LEU A 216 19.39 30.43 23.51
N THR A 217 18.82 31.18 24.46
CA THR A 217 19.13 30.97 25.86
C THR A 217 18.20 29.92 26.44
N THR A 218 18.71 29.13 27.38
CA THR A 218 17.88 28.20 28.13
C THR A 218 17.95 28.53 29.62
N PRO A 219 16.83 28.40 30.34
CA PRO A 219 16.80 28.78 31.75
C PRO A 219 17.78 27.96 32.58
N ASP A 220 18.36 28.63 33.60
CA ASP A 220 19.32 27.97 34.47
C ASP A 220 18.63 27.11 35.51
N LYS A 221 17.58 27.65 36.14
CA LYS A 221 16.76 26.87 37.07
C LYS A 221 16.17 25.67 36.34
N LYS A 222 16.64 24.47 36.67
CA LYS A 222 16.35 23.29 35.86
C LYS A 222 14.85 23.01 35.82
N HIS A 223 14.47 22.14 34.89
CA HIS A 223 13.10 22.05 34.43
C HIS A 223 12.18 21.47 35.51
N GLN A 224 10.90 21.81 35.40
CA GLN A 224 9.90 21.18 36.25
C GLN A 224 9.70 19.71 35.86
N LYS A 225 9.88 19.39 34.58
CA LYS A 225 9.59 18.04 34.08
C LYS A 225 10.68 17.06 34.52
N GLU A 226 10.23 15.93 35.05
CA GLU A 226 11.06 14.79 35.42
C GLU A 226 10.25 13.53 35.16
N PRO A 227 10.90 12.42 34.81
CA PRO A 227 10.16 11.17 34.55
C PRO A 227 9.40 10.74 35.79
N PRO A 228 8.15 10.27 35.62
CA PRO A 228 7.49 9.97 34.35
C PRO A 228 6.91 11.18 33.62
N PHE A 229 6.85 11.08 32.30
CA PHE A 229 6.31 12.12 31.44
C PHE A 229 4.92 11.75 30.94
N LEU A 230 4.01 12.72 30.96
CA LEU A 230 2.68 12.57 30.36
C LEU A 230 2.75 13.19 28.97
N TRP A 231 2.52 12.38 27.94
CA TRP A 231 2.86 12.78 26.58
C TRP A 231 1.99 11.98 25.63
N MET A 232 1.14 12.66 24.87
CA MET A 232 0.37 12.04 23.78
C MET A 232 -0.44 10.84 24.26
N GLY A 233 -0.96 10.93 25.47
CA GLY A 233 -1.80 9.89 26.02
C GLY A 233 -1.08 8.77 26.73
N TYR A 234 0.25 8.80 26.75
CA TYR A 234 1.04 7.78 27.43
C TYR A 234 1.66 8.33 28.70
N GLU A 235 2.26 7.42 29.47
CA GLU A 235 3.11 7.76 30.61
C GLU A 235 4.45 7.11 30.33
N LEU A 236 5.48 7.92 30.07
CA LEU A 236 6.81 7.40 29.77
C LEU A 236 7.63 7.38 31.05
N HIS A 237 8.14 6.21 31.40
CA HIS A 237 9.09 6.02 32.47
C HIS A 237 10.45 5.67 31.88
N PRO A 238 11.51 5.76 32.66
CA PRO A 238 12.84 5.43 32.11
C PRO A 238 12.96 4.02 31.56
N ASP A 239 12.23 3.07 32.12
CA ASP A 239 12.40 1.68 31.75
C ASP A 239 11.09 0.98 31.42
N LYS A 240 9.98 1.71 31.40
CA LYS A 240 8.72 1.14 30.97
C LYS A 240 7.82 2.27 30.54
N TRP A 241 6.66 1.90 29.98
CA TRP A 241 5.69 2.85 29.47
C TRP A 241 4.31 2.26 29.67
N THR A 242 3.31 3.15 29.72
CA THR A 242 1.93 2.70 29.66
C THR A 242 1.06 3.81 29.06
N VAL A 243 -0.23 3.50 28.92
CA VAL A 243 -1.22 4.54 28.59
C VAL A 243 -1.65 5.23 29.87
N GLN A 244 -2.11 6.48 29.72
CA GLN A 244 -2.66 7.23 30.83
C GLN A 244 -3.93 6.55 31.34
N PRO A 245 -4.34 6.84 32.57
CA PRO A 245 -5.44 6.08 33.20
C PRO A 245 -6.64 5.89 32.29
N ILE A 246 -7.11 4.65 32.21
CA ILE A 246 -8.30 4.30 31.45
C ILE A 246 -9.38 3.89 32.46
N VAL A 247 -10.36 4.77 32.68
CA VAL A 247 -11.40 4.55 33.67
C VAL A 247 -12.73 4.42 32.95
N LEU A 248 -13.31 3.23 32.97
CA LEU A 248 -14.61 3.00 32.34
C LEU A 248 -15.73 3.42 33.29
N PRO A 249 -16.59 4.35 32.90
CA PRO A 249 -17.59 4.88 33.85
C PRO A 249 -18.68 3.87 34.16
N GLU A 250 -19.31 4.08 35.31
CA GLU A 250 -20.55 3.42 35.64
C GLU A 250 -21.70 4.25 35.09
N LYS A 251 -22.57 3.61 34.30
CA LYS A 251 -23.70 4.33 33.74
C LYS A 251 -24.87 3.36 33.60
N ASP A 252 -26.08 3.90 33.78
CA ASP A 252 -27.31 3.11 33.72
C ASP A 252 -27.89 3.08 32.30
N SER A 253 -27.96 4.24 31.65
CA SER A 253 -28.32 4.32 30.24
C SER A 253 -27.12 4.88 29.48
N TRP A 254 -26.93 4.39 28.26
CA TRP A 254 -25.78 4.78 27.45
C TRP A 254 -26.23 5.50 26.19
N THR A 255 -25.65 6.66 25.95
CA THR A 255 -25.91 7.52 24.80
C THR A 255 -25.03 7.12 23.61
N VAL A 256 -25.48 7.50 22.40
CA VAL A 256 -24.60 7.44 21.23
C VAL A 256 -23.24 8.02 21.55
N ASN A 257 -23.23 9.20 22.18
CA ASN A 257 -21.98 9.88 22.45
C ASN A 257 -21.15 9.17 23.52
N ASP A 258 -21.83 8.65 24.55
CA ASP A 258 -21.10 7.99 25.63
C ASP A 258 -20.46 6.69 25.15
N ILE A 259 -21.14 5.96 24.26
CA ILE A 259 -20.57 4.73 23.72
C ILE A 259 -19.38 5.05 22.83
N GLN A 260 -19.46 6.14 22.06
CA GLN A 260 -18.32 6.56 21.24
C GLN A 260 -17.10 6.89 22.10
N LYS A 261 -17.30 7.39 23.31
CA LYS A 261 -16.18 7.61 24.22
C LYS A 261 -15.69 6.28 24.82
N LEU A 262 -16.62 5.38 25.16
CA LEU A 262 -16.25 4.06 25.66
C LEU A 262 -15.36 3.32 24.65
N VAL A 263 -15.76 3.32 23.37
CA VAL A 263 -15.00 2.60 22.35
C VAL A 263 -13.63 3.24 22.16
N GLY A 264 -13.57 4.57 22.12
CA GLY A 264 -12.28 5.24 21.99
C GLY A 264 -11.32 4.89 23.11
N LYS A 265 -11.81 4.85 24.34
CA LYS A 265 -10.95 4.49 25.46
C LYS A 265 -10.50 3.04 25.34
N LEU A 266 -11.39 2.19 24.83
CA LEU A 266 -11.02 0.79 24.66
C LEU A 266 -9.98 0.63 23.56
N ASN A 267 -10.16 1.37 22.46
CA ASN A 267 -9.16 1.32 21.40
C ASN A 267 -7.82 1.84 21.89
N TRP A 268 -7.82 2.88 22.73
CA TRP A 268 -6.56 3.41 23.21
C TRP A 268 -5.89 2.43 24.18
N ALA A 269 -6.68 1.76 25.03
CA ALA A 269 -6.16 0.81 26.01
C ALA A 269 -5.56 -0.43 25.35
N SER A 270 -6.13 -0.85 24.23
CA SER A 270 -5.81 -2.11 23.58
C SER A 270 -4.38 -2.17 23.07
N GLN A 271 -3.66 -1.05 23.08
CA GLN A 271 -2.27 -1.14 22.68
C GLN A 271 -1.34 -1.60 23.81
N ILE A 272 -1.84 -1.77 25.04
CA ILE A 272 -0.99 -2.38 26.06
C ILE A 272 -1.79 -3.39 26.89
N TYR A 273 -3.11 -3.24 26.93
CA TYR A 273 -3.97 -4.18 27.67
C TYR A 273 -4.38 -5.31 26.75
N PRO A 274 -3.93 -6.54 27.02
CA PRO A 274 -4.19 -7.65 26.11
C PRO A 274 -5.64 -8.11 26.17
N GLY A 275 -6.19 -8.45 25.00
CA GLY A 275 -7.49 -9.07 24.88
C GLY A 275 -8.67 -8.13 24.81
N ILE A 276 -8.46 -6.82 24.75
CA ILE A 276 -9.57 -5.87 24.63
C ILE A 276 -10.41 -6.21 23.40
N LYS A 277 -11.74 -6.09 23.54
CA LYS A 277 -12.69 -6.33 22.45
C LYS A 277 -13.72 -5.20 22.36
N VAL A 278 -14.07 -4.83 21.12
CA VAL A 278 -14.97 -3.70 20.86
C VAL A 278 -16.04 -3.99 19.80
N ARG A 279 -16.08 -5.21 19.27
CA ARG A 279 -17.03 -5.51 18.18
C ARG A 279 -18.47 -5.20 18.58
N GLN A 280 -18.92 -5.74 19.71
CA GLN A 280 -20.33 -5.56 20.07
C GLN A 280 -20.62 -4.11 20.42
N LEU A 281 -19.72 -3.46 21.15
CA LEU A 281 -19.94 -2.06 21.51
C LEU A 281 -19.85 -1.13 20.29
N SER A 282 -19.02 -1.48 19.30
CA SER A 282 -18.96 -0.67 18.09
C SER A 282 -20.17 -0.89 17.20
N LYS A 283 -20.77 -2.07 17.23
CA LYS A 283 -21.91 -2.35 16.39
C LYS A 283 -23.23 -1.83 16.97
N LEU A 284 -23.18 -1.15 18.11
CA LEU A 284 -24.29 -0.33 18.57
C LEU A 284 -24.33 1.02 17.86
N LEU A 285 -23.40 1.26 16.94
CA LEU A 285 -23.27 2.54 16.25
C LEU A 285 -23.62 2.45 14.77
N ARG A 286 -24.16 1.32 14.32
CA ARG A 286 -24.29 1.03 12.89
C ARG A 286 -25.16 2.04 12.16
N GLY A 287 -24.55 2.89 11.35
CA GLY A 287 -25.26 3.79 10.48
C GLY A 287 -25.83 5.03 11.17
N THR A 288 -26.19 4.89 12.44
CA THR A 288 -26.80 6.00 13.16
C THR A 288 -25.78 7.10 13.43
N LYS A 289 -26.24 8.35 13.40
CA LYS A 289 -25.40 9.48 13.73
C LYS A 289 -26.20 10.56 14.46
N ALA A 290 -27.15 10.14 15.30
CA ALA A 290 -27.91 11.04 16.15
C ALA A 290 -27.17 11.13 17.49
N LEU A 291 -26.26 12.12 17.57
CA LEU A 291 -25.22 12.20 18.60
C LEU A 291 -25.69 11.92 20.04
N THR A 292 -26.99 12.00 20.30
CA THR A 292 -27.47 11.83 21.67
C THR A 292 -28.59 10.80 21.80
N GLU A 293 -28.91 10.06 20.75
CA GLU A 293 -29.86 8.96 20.88
C GLU A 293 -29.36 7.97 21.92
N VAL A 294 -30.27 7.51 22.79
CA VAL A 294 -29.95 6.53 23.82
C VAL A 294 -30.16 5.13 23.24
N ILE A 295 -29.19 4.25 23.43
CA ILE A 295 -29.22 2.91 22.85
C ILE A 295 -29.26 1.90 23.99
N PRO A 296 -30.19 0.95 23.99
CA PRO A 296 -30.09 -0.16 24.93
C PRO A 296 -28.91 -1.05 24.59
N LEU A 297 -28.20 -1.50 25.61
CA LEU A 297 -27.04 -2.37 25.44
C LEU A 297 -27.52 -3.81 25.34
N THR A 298 -27.17 -4.46 24.23
CA THR A 298 -27.53 -5.87 24.05
C THR A 298 -26.90 -6.72 25.15
N GLU A 299 -27.41 -7.96 25.29
CA GLU A 299 -26.78 -8.91 26.20
C GLU A 299 -25.32 -9.16 25.82
N GLU A 300 -24.97 -9.04 24.53
CA GLU A 300 -23.60 -9.25 24.09
C GLU A 300 -22.71 -8.06 24.46
N ALA A 301 -23.19 -6.84 24.18
CA ALA A 301 -22.43 -5.64 24.50
C ALA A 301 -22.14 -5.55 25.99
N GLU A 302 -23.03 -6.07 26.83
CA GLU A 302 -22.81 -6.06 28.27
C GLU A 302 -21.77 -7.08 28.69
N LEU A 303 -21.83 -8.29 28.12
CA LEU A 303 -20.79 -9.27 28.42
C LEU A 303 -19.43 -8.79 27.93
N GLU A 304 -19.39 -8.09 26.80
CA GLU A 304 -18.13 -7.57 26.29
C GLU A 304 -17.56 -6.48 27.21
N LEU A 305 -18.42 -5.57 27.67
CA LEU A 305 -17.93 -4.56 28.59
C LEU A 305 -17.46 -5.18 29.91
N ALA A 306 -18.23 -6.11 30.47
CA ALA A 306 -17.80 -6.80 31.69
C ALA A 306 -16.45 -7.50 31.48
N GLU A 307 -16.27 -8.10 30.30
CA GLU A 307 -14.99 -8.67 29.93
C GLU A 307 -13.89 -7.62 30.01
N ASN A 308 -14.17 -6.44 29.45
CA ASN A 308 -13.15 -5.39 29.36
C ASN A 308 -12.82 -4.83 30.74
N ARG A 309 -13.82 -4.69 31.60
CA ARG A 309 -13.58 -4.15 32.94
C ARG A 309 -12.58 -4.99 33.71
N GLU A 310 -12.76 -6.32 33.70
CA GLU A 310 -11.80 -7.19 34.39
C GLU A 310 -10.39 -7.04 33.80
N ILE A 311 -10.29 -6.78 32.50
CA ILE A 311 -8.98 -6.60 31.87
C ILE A 311 -8.34 -5.28 32.33
N LEU A 312 -9.15 -4.25 32.57
CA LEU A 312 -8.64 -2.95 33.02
C LEU A 312 -8.54 -2.83 34.52
N LYS A 313 -8.67 -3.93 35.27
CA LYS A 313 -8.74 -3.81 36.72
C LYS A 313 -7.39 -3.40 37.32
N GLU A 314 -6.30 -3.88 36.75
CA GLU A 314 -4.99 -3.50 37.25
C GLU A 314 -4.19 -2.78 36.18
N PRO A 315 -3.31 -1.86 36.56
CA PRO A 315 -2.41 -1.24 35.58
C PRO A 315 -1.48 -2.28 34.97
N VAL A 316 -1.21 -2.11 33.67
CA VAL A 316 -0.28 -2.95 32.92
C VAL A 316 0.70 -2.01 32.21
N HIS A 317 1.96 -2.42 32.15
CA HIS A 317 2.99 -1.61 31.51
C HIS A 317 3.67 -2.41 30.40
N GLY A 318 4.18 -1.70 29.41
CA GLY A 318 5.02 -2.28 28.39
C GLY A 318 6.49 -1.99 28.66
N VAL A 319 7.37 -2.82 28.11
CA VAL A 319 8.82 -2.56 28.18
C VAL A 319 9.24 -1.90 26.87
N TYR A 320 10.49 -1.40 26.85
CA TYR A 320 11.03 -0.78 25.64
C TYR A 320 11.71 -1.82 24.74
N TYR A 321 12.07 -1.35 23.54
CA TYR A 321 12.70 -2.18 22.52
C TYR A 321 14.18 -2.39 22.81
N ASP A 322 14.63 -3.64 22.69
CA ASP A 322 16.05 -4.02 22.75
C ASP A 322 16.50 -4.47 21.36
N PRO A 323 17.21 -3.62 20.60
CA PRO A 323 17.56 -3.99 19.21
C PRO A 323 18.41 -5.25 19.09
N SER A 324 18.99 -5.75 20.18
CA SER A 324 19.82 -6.94 20.09
C SER A 324 19.03 -8.24 20.14
N LYS A 325 17.71 -8.15 20.26
CA LYS A 325 16.86 -9.32 20.41
C LYS A 325 15.77 -9.32 19.34
N ASP A 326 15.44 -10.54 18.87
CA ASP A 326 14.30 -10.75 17.99
C ASP A 326 13.03 -10.18 18.62
N LEU A 327 12.10 -9.81 17.75
CA LEU A 327 10.73 -9.49 18.10
C LEU A 327 9.87 -10.71 17.81
N ILE A 328 8.97 -11.05 18.74
CA ILE A 328 8.02 -12.14 18.61
C ILE A 328 6.62 -11.56 18.64
N ALA A 329 5.77 -11.98 17.70
CA ALA A 329 4.37 -11.59 17.70
C ALA A 329 3.51 -12.84 17.81
N GLU A 330 2.56 -12.82 18.74
CA GLU A 330 1.65 -13.93 18.96
C GLU A 330 0.23 -13.46 18.73
N ILE A 331 -0.55 -14.27 18.03
CA ILE A 331 -1.90 -13.89 17.61
C ILE A 331 -2.88 -14.93 18.19
N GLN A 332 -4.04 -14.47 18.66
CA GLN A 332 -5.13 -15.35 19.07
C GLN A 332 -6.41 -14.97 18.35
N LYS A 333 -7.21 -15.99 18.00
CA LYS A 333 -8.57 -15.80 17.53
C LYS A 333 -9.49 -15.52 18.72
N GLN A 334 -10.35 -14.50 18.58
CA GLN A 334 -11.27 -14.17 19.65
C GLN A 334 -12.72 -14.45 19.35
N GLY A 335 -13.09 -14.61 18.08
CA GLY A 335 -14.47 -14.83 17.69
C GLY A 335 -15.09 -13.59 17.06
N GLN A 336 -16.07 -13.81 16.19
CA GLN A 336 -16.82 -12.75 15.48
C GLN A 336 -15.88 -11.80 14.75
N GLY A 337 -14.85 -12.38 14.12
CA GLY A 337 -13.93 -11.62 13.30
C GLY A 337 -12.90 -10.82 14.06
N GLN A 338 -12.76 -11.06 15.36
CA GLN A 338 -11.85 -10.31 16.23
C GLN A 338 -10.58 -11.11 16.46
N TRP A 339 -9.44 -10.43 16.36
CA TRP A 339 -8.13 -11.02 16.58
C TRP A 339 -7.34 -10.14 17.52
N THR A 340 -6.53 -10.77 18.37
CA THR A 340 -5.75 -10.05 19.37
C THR A 340 -4.31 -10.55 19.33
N TYR A 341 -3.36 -9.66 19.65
CA TYR A 341 -1.95 -10.02 19.49
C TYR A 341 -1.10 -9.35 20.56
N GLN A 342 0.04 -9.99 20.85
CA GLN A 342 1.05 -9.44 21.74
C GLN A 342 2.39 -9.44 21.01
N ILE A 343 3.18 -8.39 21.21
CA ILE A 343 4.53 -8.36 20.66
C ILE A 343 5.52 -8.26 21.81
N TYR A 344 6.49 -9.16 21.83
CA TYR A 344 7.43 -9.19 22.95
C TYR A 344 8.77 -9.69 22.45
N GLN A 345 9.80 -9.62 23.31
CA GLN A 345 11.13 -10.17 22.95
C GLN A 345 11.51 -11.15 24.06
N GLU A 346 11.02 -10.88 25.27
CA GLU A 346 11.29 -11.71 26.44
C GLU A 346 9.94 -12.30 26.93
N PRO A 347 9.87 -13.55 27.44
CA PRO A 347 8.60 -14.11 27.93
C PRO A 347 8.02 -13.22 29.02
N PHE A 348 6.73 -12.92 28.91
CA PHE A 348 5.94 -12.27 29.94
C PHE A 348 6.22 -10.78 30.11
N LYS A 349 6.95 -10.15 29.20
CA LYS A 349 7.01 -8.68 29.22
C LYS A 349 6.75 -8.16 27.81
N ASN A 350 5.53 -7.75 27.56
CA ASN A 350 5.14 -7.26 26.24
C ASN A 350 5.74 -5.89 25.98
N LEU A 351 6.21 -5.68 24.74
CA LEU A 351 6.44 -4.34 24.20
C LEU A 351 5.12 -3.61 23.98
N LYS A 352 4.18 -4.26 23.31
CA LYS A 352 2.85 -3.70 23.10
C LYS A 352 1.91 -4.82 22.70
N THR A 353 0.62 -4.48 22.68
CA THR A 353 -0.44 -5.39 22.27
C THR A 353 -1.26 -4.72 21.19
N GLY A 354 -2.27 -5.44 20.71
CA GLY A 354 -3.17 -4.82 19.76
C GLY A 354 -4.23 -5.78 19.32
N LYS A 355 -5.07 -5.30 18.41
CA LYS A 355 -6.21 -6.06 17.93
C LYS A 355 -6.38 -5.76 16.45
N TYR A 356 -7.01 -6.71 15.75
CA TYR A 356 -7.34 -6.57 14.34
C TYR A 356 -8.79 -7.00 14.15
N ALA A 357 -9.56 -6.25 13.34
CA ALA A 357 -10.97 -6.58 13.15
C ALA A 357 -11.25 -6.95 11.70
N ARG A 358 -11.84 -8.14 11.49
CA ARG A 358 -12.41 -8.55 10.20
C ARG A 358 -13.16 -7.38 9.56
N MET A 359 -12.86 -7.11 8.29
CA MET A 359 -13.42 -6.16 7.37
C MET A 359 -14.89 -6.49 7.08
N ARG A 360 -15.70 -5.52 6.68
CA ARG A 360 -17.00 -5.84 6.12
C ARG A 360 -16.83 -6.71 4.87
N GLY A 361 -17.37 -7.93 4.92
CA GLY A 361 -17.35 -8.81 3.77
C GLY A 361 -18.62 -9.64 3.71
N ALA A 362 -18.86 -10.22 2.54
CA ALA A 362 -20.01 -11.10 2.36
C ALA A 362 -19.69 -12.53 2.80
N HIS A 363 -18.55 -13.05 2.38
CA HIS A 363 -18.06 -14.36 2.76
C HIS A 363 -16.60 -14.24 3.18
N THR A 364 -16.20 -15.06 4.15
CA THR A 364 -14.88 -14.95 4.76
C THR A 364 -14.48 -16.32 5.29
N ASN A 365 -13.21 -16.44 5.68
CA ASN A 365 -12.80 -17.60 6.47
C ASN A 365 -11.64 -17.22 7.39
N ASP A 366 -11.40 -18.08 8.39
CA ASP A 366 -10.42 -17.77 9.43
C ASP A 366 -9.01 -17.64 8.89
N VAL A 367 -8.65 -18.43 7.88
CA VAL A 367 -7.27 -18.38 7.38
C VAL A 367 -6.99 -17.04 6.72
N LYS A 368 -7.94 -16.57 5.91
CA LYS A 368 -7.83 -15.25 5.29
C LYS A 368 -7.71 -14.16 6.34
N GLN A 369 -8.53 -14.22 7.37
CA GLN A 369 -8.45 -13.23 8.44
C GLN A 369 -7.12 -13.30 9.16
N LEU A 370 -6.67 -14.50 9.53
CA LEU A 370 -5.35 -14.64 10.15
C LEU A 370 -4.27 -14.04 9.27
N THR A 371 -4.35 -14.32 7.96
CA THR A 371 -3.36 -13.79 7.02
C THR A 371 -3.35 -12.26 7.03
N GLU A 372 -4.53 -11.64 6.97
CA GLU A 372 -4.62 -10.18 6.99
C GLU A 372 -4.09 -9.61 8.30
N ALA A 373 -4.44 -10.24 9.42
CA ALA A 373 -3.89 -9.80 10.70
C ALA A 373 -2.37 -9.84 10.68
N VAL A 374 -1.78 -10.88 10.08
CA VAL A 374 -0.32 -10.95 10.02
C VAL A 374 0.25 -9.81 9.18
N GLN A 375 -0.37 -9.50 8.03
N GLN A 375 -0.38 -9.50 8.03
CA GLN A 375 0.15 -8.40 7.22
CA GLN A 375 0.15 -8.41 7.21
C GLN A 375 0.04 -7.06 7.93
C GLN A 375 0.06 -7.08 7.95
N LYS A 376 -1.00 -6.88 8.75
CA LYS A 376 -1.17 -5.65 9.54
C LYS A 376 -0.11 -5.51 10.62
N ILE A 377 0.15 -6.60 11.35
CA ILE A 377 1.18 -6.55 12.38
C ILE A 377 2.54 -6.34 11.73
N THR A 378 2.77 -6.99 10.59
CA THR A 378 4.06 -6.83 9.90
C THR A 378 4.30 -5.37 9.55
N THR A 379 3.29 -4.70 9.00
CA THR A 379 3.50 -3.31 8.56
C THR A 379 3.66 -2.38 9.76
N GLU A 380 2.86 -2.61 10.81
CA GLU A 380 3.03 -1.85 12.04
C GLU A 380 4.41 -2.08 12.66
N SER A 381 4.91 -3.30 12.60
CA SER A 381 6.24 -3.57 13.13
C SER A 381 7.34 -2.92 12.29
N ILE A 382 7.18 -2.85 10.97
CA ILE A 382 8.17 -2.13 10.16
C ILE A 382 8.23 -0.67 10.59
N VAL A 383 7.06 -0.05 10.79
CA VAL A 383 7.01 1.33 11.24
C VAL A 383 7.74 1.50 12.57
N ILE A 384 7.44 0.65 13.53
CA ILE A 384 7.87 0.94 14.90
C ILE A 384 9.30 0.48 15.13
N TRP A 385 9.66 -0.69 14.58
CA TRP A 385 10.94 -1.28 14.85
C TRP A 385 11.80 -1.46 13.62
N GLY A 386 11.25 -1.27 12.41
CA GLY A 386 12.07 -1.48 11.22
C GLY A 386 12.32 -2.92 10.84
N LYS A 387 11.58 -3.88 11.40
CA LYS A 387 11.84 -5.27 11.03
C LYS A 387 10.58 -6.11 11.27
N THR A 388 10.51 -7.24 10.62
CA THR A 388 9.34 -8.12 10.80
C THR A 388 9.53 -8.99 12.04
N PRO A 389 8.49 -9.16 12.85
CA PRO A 389 8.58 -10.09 13.97
C PRO A 389 8.49 -11.53 13.51
N LYS A 390 9.04 -12.42 14.36
CA LYS A 390 8.77 -13.85 14.27
C LYS A 390 7.37 -14.12 14.80
N PHE A 391 6.59 -14.91 14.08
CA PHE A 391 5.19 -15.09 14.41
C PHE A 391 4.96 -16.43 15.10
N LYS A 392 4.08 -16.41 16.10
CA LYS A 392 3.55 -17.59 16.77
C LYS A 392 2.06 -17.63 16.43
N LEU A 393 1.66 -18.58 15.59
CA LEU A 393 0.29 -18.58 15.10
C LEU A 393 -0.48 -19.83 15.54
N PRO A 394 -1.79 -19.70 15.81
CA PRO A 394 -2.63 -20.85 16.19
C PRO A 394 -3.16 -21.61 14.99
N ILE A 395 -2.25 -22.06 14.12
CA ILE A 395 -2.61 -22.82 12.94
C ILE A 395 -1.48 -23.82 12.70
N GLN A 396 -1.85 -25.08 12.45
CA GLN A 396 -0.81 -26.09 12.25
C GLN A 396 -0.05 -25.85 10.94
N LYS A 397 1.21 -26.23 10.93
CA LYS A 397 1.99 -26.09 9.71
C LYS A 397 1.37 -26.83 8.52
N GLU A 398 0.76 -27.99 8.75
CA GLU A 398 0.06 -28.82 7.76
C GLU A 398 -1.12 -28.07 7.14
N THR A 399 -1.87 -27.47 8.04
CA THR A 399 -3.04 -26.72 7.60
C THR A 399 -2.64 -25.58 6.66
N TRP A 400 -1.66 -24.78 7.09
CA TRP A 400 -1.18 -23.68 6.24
C TRP A 400 -0.70 -24.18 4.89
N GLU A 401 0.10 -25.26 4.88
CA GLU A 401 0.61 -25.78 3.62
C GLU A 401 -0.53 -26.20 2.69
N THR A 402 -1.50 -26.93 3.23
CA THR A 402 -2.66 -27.28 2.43
C THR A 402 -3.38 -26.04 1.89
N TRP A 403 -3.52 -25.01 2.74
CA TRP A 403 -4.23 -23.81 2.32
C TRP A 403 -3.52 -23.11 1.16
N TRP A 404 -2.26 -22.69 1.37
CA TRP A 404 -1.66 -21.80 0.40
C TRP A 404 -1.35 -22.53 -0.89
N THR A 405 -1.04 -23.84 -0.86
CA THR A 405 -0.72 -24.52 -2.11
C THR A 405 -1.96 -24.70 -2.98
N GLU A 406 -3.15 -24.81 -2.37
CA GLU A 406 -4.36 -24.98 -3.15
C GLU A 406 -5.16 -23.69 -3.35
N TYR A 407 -4.85 -22.61 -2.64
CA TYR A 407 -5.66 -21.40 -2.75
C TYR A 407 -5.44 -20.72 -4.10
N TRP A 408 -6.52 -20.19 -4.70
CA TRP A 408 -6.44 -19.65 -6.06
C TRP A 408 -5.57 -18.39 -6.14
N GLN A 409 -5.47 -17.64 -5.04
CA GLN A 409 -4.59 -16.48 -4.95
C GLN A 409 -3.18 -16.86 -4.53
N ALA A 410 -2.22 -16.04 -4.96
CA ALA A 410 -0.92 -16.04 -4.32
C ALA A 410 -1.07 -15.55 -2.89
N THR A 411 -0.42 -16.24 -1.93
CA THR A 411 -0.51 -15.75 -0.55
C THR A 411 0.76 -16.19 0.19
N TRP A 412 1.07 -15.48 1.27
CA TRP A 412 2.36 -15.64 1.95
C TRP A 412 2.25 -15.12 3.37
N ILE A 413 2.87 -15.83 4.31
CA ILE A 413 3.11 -15.22 5.62
C ILE A 413 4.56 -15.49 5.98
N PRO A 414 5.22 -14.55 6.66
CA PRO A 414 6.67 -14.66 6.90
C PRO A 414 6.92 -15.63 8.04
N GLU A 415 8.20 -15.81 8.35
CA GLU A 415 8.70 -16.81 9.28
C GLU A 415 7.80 -16.94 10.49
N TRP A 416 7.30 -18.14 10.80
CA TRP A 416 6.35 -18.34 11.88
C TRP A 416 6.42 -19.78 12.38
N GLU A 417 5.96 -19.97 13.62
CA GLU A 417 5.80 -21.29 14.23
C GLU A 417 4.41 -21.44 14.82
N PHE A 418 3.93 -22.68 14.80
CA PHE A 418 2.66 -23.05 15.41
C PHE A 418 2.76 -22.93 16.93
N VAL A 419 1.71 -22.36 17.52
CA VAL A 419 1.55 -22.35 18.96
C VAL A 419 0.23 -23.05 19.26
N ASN A 420 0.30 -24.05 20.13
CA ASN A 420 -0.86 -24.91 20.35
C ASN A 420 -1.72 -24.35 21.49
N THR A 421 -2.41 -23.25 21.19
CA THR A 421 -3.30 -22.63 22.15
C THR A 421 -4.68 -22.44 21.52
N PRO A 422 -5.69 -23.18 22.00
CA PRO A 422 -7.01 -23.11 21.37
C PRO A 422 -7.60 -21.71 21.49
N PRO A 423 -8.49 -21.33 20.57
CA PRO A 423 -8.99 -22.12 19.43
C PRO A 423 -8.08 -22.04 18.20
N LEU A 424 -7.81 -23.21 17.61
CA LEU A 424 -6.91 -23.28 16.47
C LEU A 424 -7.66 -22.96 15.18
N VAL A 425 -6.96 -22.31 14.25
CA VAL A 425 -7.48 -22.07 12.92
C VAL A 425 -7.34 -23.36 12.12
N LYS A 426 -8.39 -23.74 11.39
CA LYS A 426 -8.32 -24.98 10.62
C LYS A 426 -9.11 -24.85 9.32
N LEU A 427 -8.87 -25.78 8.41
CA LEU A 427 -9.69 -25.92 7.21
C LEU A 427 -10.89 -26.79 7.54
N TRP A 428 -12.09 -26.24 7.35
CA TRP A 428 -13.32 -26.96 7.68
C TRP A 428 -13.77 -27.91 6.58
N TYR A 429 -13.49 -27.60 5.30
CA TYR A 429 -13.70 -28.56 4.21
C TYR A 429 -12.64 -28.31 3.13
N GLN A 430 -12.44 -29.32 2.29
CA GLN A 430 -11.59 -29.24 1.11
C GLN A 430 -12.27 -30.00 -0.01
N LEU A 431 -12.49 -29.33 -1.15
CA LEU A 431 -13.11 -29.96 -2.30
C LEU A 431 -12.13 -30.88 -3.01
N GLU A 432 -12.65 -31.98 -3.56
CA GLU A 432 -11.85 -32.91 -4.34
C GLU A 432 -11.32 -32.25 -5.61
N LYS A 433 -10.15 -32.71 -6.06
CA LYS A 433 -9.62 -32.22 -7.32
C LYS A 433 -10.09 -33.03 -8.52
N GLU A 434 -10.55 -34.27 -8.30
CA GLU A 434 -11.03 -35.17 -9.35
C GLU A 434 -12.40 -35.73 -8.96
N PRO A 435 -13.23 -36.08 -9.96
CA PRO A 435 -14.52 -36.73 -9.64
C PRO A 435 -14.33 -38.04 -8.89
N ILE A 436 -15.31 -38.34 -8.05
CA ILE A 436 -15.23 -39.49 -7.15
C ILE A 436 -15.86 -40.72 -7.80
N VAL A 437 -15.07 -41.77 -8.02
CA VAL A 437 -15.64 -43.03 -8.49
C VAL A 437 -16.49 -43.64 -7.38
N GLY A 438 -17.66 -44.18 -7.77
CA GLY A 438 -18.55 -44.80 -6.81
C GLY A 438 -19.49 -43.86 -6.08
N ALA A 439 -19.29 -42.55 -6.18
CA ALA A 439 -20.17 -41.58 -5.54
C ALA A 439 -21.30 -41.16 -6.48
N GLU A 440 -22.53 -41.13 -5.95
CA GLU A 440 -23.67 -40.64 -6.72
C GLU A 440 -23.39 -39.22 -7.26
N THR A 441 -23.84 -38.99 -8.49
CA THR A 441 -23.65 -37.72 -9.18
C THR A 441 -24.98 -36.97 -9.20
N PHE A 442 -25.02 -35.80 -8.55
CA PHE A 442 -26.22 -34.96 -8.50
C PHE A 442 -26.10 -33.83 -9.51
N TYR A 443 -27.00 -33.78 -10.48
CA TYR A 443 -27.09 -32.64 -11.40
C TYR A 443 -28.13 -31.67 -10.87
N VAL A 444 -27.70 -30.45 -10.48
CA VAL A 444 -28.56 -29.55 -9.75
C VAL A 444 -28.89 -28.37 -10.65
N ASP A 445 -30.03 -27.75 -10.40
CA ASP A 445 -30.37 -26.50 -11.05
C ASP A 445 -31.46 -25.80 -10.26
N GLY A 446 -31.43 -24.47 -10.34
CA GLY A 446 -32.51 -23.65 -9.86
C GLY A 446 -32.82 -22.57 -10.88
N ALA A 447 -34.00 -21.99 -10.75
CA ALA A 447 -34.37 -20.85 -11.57
C ALA A 447 -35.48 -20.10 -10.86
N ALA A 448 -35.60 -18.81 -11.16
CA ALA A 448 -36.64 -17.98 -10.56
C ALA A 448 -37.24 -17.02 -11.58
N ASN A 449 -38.54 -16.82 -11.49
CA ASN A 449 -39.24 -15.83 -12.32
C ASN A 449 -38.97 -14.44 -11.75
N ARG A 450 -38.41 -13.55 -12.57
CA ARG A 450 -37.98 -12.22 -12.14
C ARG A 450 -39.15 -11.33 -11.73
N GLU A 451 -40.34 -11.58 -12.25
CA GLU A 451 -41.50 -10.75 -11.96
C GLU A 451 -42.32 -11.27 -10.80
N THR A 452 -42.52 -12.58 -10.71
CA THR A 452 -43.28 -13.17 -9.63
C THR A 452 -42.43 -13.49 -8.40
N LYS A 453 -41.11 -13.58 -8.56
CA LYS A 453 -40.17 -14.07 -7.55
C LYS A 453 -40.46 -15.52 -7.14
N LEU A 454 -41.22 -16.25 -7.95
CA LEU A 454 -41.40 -17.68 -7.74
C LEU A 454 -40.26 -18.43 -8.40
N GLY A 455 -39.85 -19.53 -7.79
CA GLY A 455 -38.75 -20.29 -8.34
C GLY A 455 -38.88 -21.76 -7.99
N LYS A 456 -37.90 -22.54 -8.47
CA LYS A 456 -37.76 -23.94 -8.14
C LYS A 456 -36.27 -24.23 -8.01
N ALA A 457 -35.93 -25.20 -7.16
CA ALA A 457 -34.58 -25.73 -7.09
C ALA A 457 -34.69 -27.24 -6.97
N GLY A 458 -33.70 -27.94 -7.49
CA GLY A 458 -33.75 -29.38 -7.43
C GLY A 458 -32.54 -30.06 -8.05
N TYR A 459 -32.67 -31.38 -8.18
CA TYR A 459 -31.58 -32.19 -8.73
C TYR A 459 -32.17 -33.42 -9.39
N VAL A 460 -31.34 -34.04 -10.23
CA VAL A 460 -31.53 -35.42 -10.68
C VAL A 460 -30.18 -36.13 -10.56
N THR A 461 -30.19 -37.41 -10.21
CA THR A 461 -28.94 -38.15 -10.08
C THR A 461 -28.89 -39.36 -10.99
N ASN A 462 -27.68 -39.92 -11.11
CA ASN A 462 -27.47 -41.09 -11.94
C ASN A 462 -28.16 -42.34 -11.40
N LYS A 463 -28.54 -42.34 -10.12
CA LYS A 463 -29.31 -43.43 -9.55
C LYS A 463 -30.80 -43.24 -9.78
N GLY A 464 -31.20 -42.17 -10.45
CA GLY A 464 -32.60 -41.86 -10.61
C GLY A 464 -33.20 -41.08 -9.46
N ARG A 465 -32.44 -40.76 -8.41
CA ARG A 465 -32.96 -39.89 -7.37
C ARG A 465 -33.25 -38.50 -7.94
N GLN A 466 -34.38 -37.93 -7.56
CA GLN A 466 -34.79 -36.62 -8.06
C GLN A 466 -35.46 -35.83 -6.95
N LYS A 467 -35.38 -34.51 -7.06
CA LYS A 467 -36.17 -33.66 -6.17
C LYS A 467 -36.31 -32.30 -6.81
N VAL A 468 -37.51 -31.71 -6.70
CA VAL A 468 -37.75 -30.32 -7.09
C VAL A 468 -38.59 -29.68 -5.99
N VAL A 469 -38.17 -28.51 -5.51
CA VAL A 469 -38.85 -27.80 -4.43
C VAL A 469 -39.35 -26.47 -4.97
N PRO A 470 -40.63 -26.13 -4.78
CA PRO A 470 -41.11 -24.80 -5.18
C PRO A 470 -40.74 -23.78 -4.12
N LEU A 471 -40.36 -22.61 -4.59
CA LEU A 471 -39.83 -21.58 -3.71
C LEU A 471 -40.54 -20.27 -3.97
N THR A 472 -40.75 -19.49 -2.90
CA THR A 472 -41.40 -18.19 -2.96
C THR A 472 -40.38 -17.10 -2.64
N ASN A 473 -40.56 -15.93 -3.25
CA ASN A 473 -39.78 -14.73 -2.93
C ASN A 473 -38.28 -15.03 -2.96
N THR A 474 -37.83 -15.46 -4.14
CA THR A 474 -36.47 -15.91 -4.33
C THR A 474 -35.97 -15.32 -5.64
N THR A 475 -34.71 -15.55 -5.93
CA THR A 475 -34.07 -15.09 -7.15
C THR A 475 -33.30 -16.25 -7.76
N ASN A 476 -32.79 -16.04 -8.97
CA ASN A 476 -32.07 -17.12 -9.63
C ASN A 476 -30.83 -17.48 -8.84
N GLN A 477 -30.10 -16.48 -8.33
CA GLN A 477 -28.91 -16.74 -7.51
C GLN A 477 -29.25 -17.56 -6.28
N LYS A 478 -30.34 -17.22 -5.60
CA LYS A 478 -30.71 -17.98 -4.42
C LYS A 478 -31.12 -19.39 -4.79
N THR A 479 -31.86 -19.56 -5.91
CA THR A 479 -32.31 -20.90 -6.28
C THR A 479 -31.15 -21.79 -6.72
N GLU A 480 -30.11 -21.21 -7.32
CA GLU A 480 -28.94 -22.02 -7.68
C GLU A 480 -28.18 -22.49 -6.44
N LEU A 481 -28.11 -21.65 -5.41
CA LEU A 481 -27.53 -22.09 -4.14
C LEU A 481 -28.42 -23.12 -3.45
N GLN A 482 -29.73 -22.91 -3.47
CA GLN A 482 -30.65 -23.86 -2.85
CA GLN A 482 -30.65 -23.86 -2.85
C GLN A 482 -30.50 -25.25 -3.45
N ALA A 483 -30.35 -25.32 -4.78
CA ALA A 483 -30.22 -26.61 -5.43
C ALA A 483 -28.98 -27.35 -4.94
N ILE A 484 -27.87 -26.62 -4.79
CA ILE A 484 -26.65 -27.24 -4.27
C ILE A 484 -26.86 -27.70 -2.84
N TYR A 485 -27.57 -26.90 -2.04
CA TYR A 485 -27.88 -27.31 -0.66
C TYR A 485 -28.71 -28.59 -0.63
N LEU A 486 -29.72 -28.70 -1.50
CA LEU A 486 -30.54 -29.91 -1.50
C LEU A 486 -29.71 -31.15 -1.86
N ALA A 487 -28.81 -31.03 -2.84
CA ALA A 487 -27.96 -32.16 -3.21
C ALA A 487 -27.07 -32.59 -2.05
N LEU A 488 -26.48 -31.63 -1.34
CA LEU A 488 -25.69 -31.95 -0.16
C LEU A 488 -26.56 -32.64 0.90
N GLN A 489 -27.74 -32.10 1.17
CA GLN A 489 -28.62 -32.67 2.21
C GLN A 489 -29.07 -34.09 1.87
N ASP A 490 -29.23 -34.43 0.60
CA ASP A 490 -29.81 -35.71 0.24
C ASP A 490 -28.78 -36.73 -0.18
N SER A 491 -27.50 -36.38 -0.19
CA SER A 491 -26.46 -37.30 -0.61
C SER A 491 -25.82 -37.99 0.59
N GLY A 492 -25.10 -39.06 0.32
CA GLY A 492 -24.26 -39.71 1.31
C GLY A 492 -22.98 -38.95 1.56
N LEU A 493 -22.03 -39.65 2.18
CA LEU A 493 -20.78 -39.03 2.65
C LEU A 493 -19.86 -38.61 1.51
N GLU A 494 -20.00 -39.18 0.33
CA GLU A 494 -19.23 -38.79 -0.83
C GLU A 494 -20.20 -38.44 -1.96
N VAL A 495 -19.95 -37.34 -2.65
CA VAL A 495 -20.92 -36.86 -3.63
C VAL A 495 -20.22 -36.07 -4.72
N ASN A 496 -20.62 -36.30 -5.96
CA ASN A 496 -20.29 -35.44 -7.09
C ASN A 496 -21.48 -34.52 -7.35
N ILE A 497 -21.23 -33.22 -7.49
CA ILE A 497 -22.29 -32.25 -7.75
C ILE A 497 -21.94 -31.48 -9.01
N VAL A 498 -22.92 -31.38 -9.92
CA VAL A 498 -22.74 -30.69 -11.20
C VAL A 498 -23.68 -29.50 -11.24
N THR A 499 -23.12 -28.29 -11.39
CA THR A 499 -23.95 -27.08 -11.46
C THR A 499 -23.55 -26.26 -12.67
N ASP A 500 -24.46 -25.42 -13.13
CA ASP A 500 -24.09 -24.42 -14.13
C ASP A 500 -23.98 -23.01 -13.53
N SER A 501 -23.99 -22.89 -12.21
CA SER A 501 -24.05 -21.57 -11.56
C SER A 501 -22.65 -21.01 -11.45
N GLN A 502 -22.30 -20.06 -12.33
CA GLN A 502 -21.01 -19.38 -12.16
C GLN A 502 -20.99 -18.64 -10.82
N TYR A 503 -22.13 -18.09 -10.42
CA TYR A 503 -22.26 -17.41 -9.14
C TYR A 503 -21.90 -18.32 -7.96
N ALA A 504 -22.53 -19.50 -7.89
CA ALA A 504 -22.22 -20.43 -6.81
C ALA A 504 -20.75 -20.85 -6.82
N LEU A 505 -20.20 -21.12 -8.01
CA LEU A 505 -18.81 -21.55 -8.08
C LEU A 505 -17.88 -20.46 -7.55
N GLY A 506 -18.14 -19.20 -7.91
CA GLY A 506 -17.30 -18.13 -7.42
C GLY A 506 -17.29 -18.02 -5.91
N ILE A 507 -18.43 -18.28 -5.28
CA ILE A 507 -18.48 -18.28 -3.82
C ILE A 507 -17.70 -19.46 -3.28
N ILE A 508 -18.05 -20.68 -3.72
CA ILE A 508 -17.41 -21.86 -3.15
C ILE A 508 -15.91 -21.87 -3.43
N GLN A 509 -15.48 -21.39 -4.60
CA GLN A 509 -14.05 -21.34 -4.88
C GLN A 509 -13.32 -20.33 -4.01
N ALA A 510 -14.05 -19.41 -3.36
CA ALA A 510 -13.45 -18.58 -2.33
C ALA A 510 -13.29 -19.30 -0.99
N GLN A 511 -13.81 -20.53 -0.86
N GLN A 511 -13.72 -20.52 -0.87
CA GLN A 511 -13.66 -21.32 0.36
CA GLN A 511 -13.57 -21.31 0.35
C GLN A 511 -14.06 -20.61 1.66
C GLN A 511 -13.96 -20.59 1.64
N PRO A 512 -15.29 -20.09 1.75
CA PRO A 512 -15.72 -19.46 3.01
C PRO A 512 -16.02 -20.50 4.07
N ASP A 513 -15.80 -20.11 5.33
CA ASP A 513 -16.33 -20.88 6.43
C ASP A 513 -17.42 -20.12 7.18
N LYS A 514 -17.81 -18.93 6.71
CA LYS A 514 -18.83 -18.14 7.35
C LYS A 514 -19.33 -17.08 6.36
N SER A 515 -20.62 -16.78 6.41
CA SER A 515 -21.21 -15.91 5.40
C SER A 515 -22.24 -15.00 6.04
N GLU A 516 -22.60 -13.99 5.29
CA GLU A 516 -23.66 -13.10 5.65
C GLU A 516 -24.95 -13.79 5.23
N SER A 517 -24.91 -14.56 4.17
CA SER A 517 -26.06 -15.31 3.69
C SER A 517 -26.26 -16.58 4.51
N GLU A 518 -27.47 -16.77 5.06
CA GLU A 518 -27.73 -17.98 5.82
C GLU A 518 -27.77 -19.21 4.91
N LEU A 519 -28.05 -19.01 3.62
CA LEU A 519 -28.03 -20.13 2.68
C LEU A 519 -26.61 -20.62 2.45
N VAL A 520 -25.66 -19.71 2.25
CA VAL A 520 -24.26 -20.13 2.14
C VAL A 520 -23.83 -20.82 3.43
N ASN A 521 -24.27 -20.30 4.59
CA ASN A 521 -23.90 -20.93 5.85
C ASN A 521 -24.44 -22.35 5.94
N GLN A 522 -25.69 -22.56 5.52
CA GLN A 522 -26.27 -23.89 5.48
C GLN A 522 -25.46 -24.82 4.57
N ILE A 523 -25.01 -24.32 3.40
CA ILE A 523 -24.16 -25.14 2.54
C ILE A 523 -22.84 -25.47 3.24
N ILE A 524 -22.23 -24.48 3.92
CA ILE A 524 -20.97 -24.75 4.61
C ILE A 524 -21.14 -25.84 5.66
N GLU A 525 -22.23 -25.78 6.43
CA GLU A 525 -22.49 -26.82 7.44
C GLU A 525 -22.61 -28.20 6.81
N GLN A 526 -23.24 -28.28 5.63
CA GLN A 526 -23.35 -29.57 4.95
C GLN A 526 -22.01 -30.06 4.46
N LEU A 527 -21.21 -29.15 3.88
CA LEU A 527 -19.89 -29.54 3.39
C LEU A 527 -19.03 -30.09 4.51
N ILE A 528 -19.14 -29.52 5.71
CA ILE A 528 -18.31 -29.94 6.83
C ILE A 528 -18.62 -31.39 7.22
N LYS A 529 -19.86 -31.84 7.00
CA LYS A 529 -20.04 -33.22 7.44
C LYS A 529 -19.83 -34.24 6.33
N LYS A 530 -19.42 -33.84 5.14
CA LYS A 530 -19.09 -34.82 4.13
C LYS A 530 -17.68 -35.34 4.31
N GLU A 531 -17.43 -36.52 3.73
CA GLU A 531 -16.07 -37.01 3.60
C GLU A 531 -15.44 -36.54 2.31
N LYS A 532 -16.17 -36.58 1.19
CA LYS A 532 -15.61 -36.11 -0.08
C LYS A 532 -16.68 -35.42 -0.92
N VAL A 533 -16.33 -34.24 -1.46
CA VAL A 533 -17.20 -33.48 -2.34
C VAL A 533 -16.42 -33.03 -3.57
N TYR A 534 -16.92 -33.39 -4.74
CA TYR A 534 -16.39 -32.85 -5.98
C TYR A 534 -17.45 -31.97 -6.61
N LEU A 535 -17.09 -30.71 -6.86
CA LEU A 535 -18.00 -29.74 -7.46
C LEU A 535 -17.57 -29.47 -8.90
N ALA A 536 -18.45 -29.76 -9.86
CA ALA A 536 -18.11 -29.59 -11.27
C ALA A 536 -19.02 -28.53 -11.88
N TRP A 537 -18.44 -27.68 -12.72
CA TRP A 537 -19.18 -26.62 -13.39
C TRP A 537 -19.34 -26.95 -14.86
N VAL A 538 -20.50 -26.60 -15.39
CA VAL A 538 -20.61 -26.67 -16.85
C VAL A 538 -21.55 -25.58 -17.32
N PRO A 539 -21.44 -25.25 -18.61
CA PRO A 539 -22.18 -24.08 -19.11
C PRO A 539 -23.67 -24.38 -19.23
N ALA A 540 -24.48 -23.37 -18.93
CA ALA A 540 -25.92 -23.55 -18.96
C ALA A 540 -26.44 -23.69 -20.38
N HIS A 541 -27.63 -24.28 -20.49
CA HIS A 541 -28.49 -24.20 -21.69
C HIS A 541 -27.73 -24.48 -22.98
N LYS A 542 -26.77 -25.41 -22.91
CA LYS A 542 -26.02 -25.84 -24.09
C LYS A 542 -26.47 -27.20 -24.61
N GLY A 543 -27.28 -27.92 -23.86
CA GLY A 543 -27.67 -29.28 -24.22
C GLY A 543 -27.20 -30.34 -23.25
N ILE A 544 -26.48 -29.94 -22.20
CA ILE A 544 -25.96 -30.87 -21.20
C ILE A 544 -27.13 -31.53 -20.49
N GLY A 545 -27.45 -32.77 -20.90
CA GLY A 545 -28.48 -33.52 -20.20
C GLY A 545 -28.09 -33.82 -18.77
N GLY A 546 -29.10 -34.13 -17.97
CA GLY A 546 -28.96 -34.08 -16.54
C GLY A 546 -29.11 -32.64 -16.10
N ASN A 547 -28.22 -31.78 -16.63
CA ASN A 547 -28.39 -30.32 -16.38
C ASN A 547 -29.66 -29.91 -17.13
N GLU A 548 -29.77 -30.30 -18.41
CA GLU A 548 -30.94 -29.93 -19.18
C GLU A 548 -32.22 -30.47 -18.56
N GLN A 549 -32.16 -31.69 -18.00
CA GLN A 549 -33.37 -32.31 -17.47
C GLN A 549 -33.87 -31.56 -16.25
N VAL A 550 -33.00 -31.33 -15.27
CA VAL A 550 -33.45 -30.63 -14.06
C VAL A 550 -33.69 -29.14 -14.36
N ASP A 551 -33.01 -28.59 -15.38
CA ASP A 551 -33.34 -27.24 -15.84
C ASP A 551 -34.76 -27.20 -16.40
N LYS A 552 -35.13 -28.20 -17.20
CA LYS A 552 -36.50 -28.32 -17.67
C LYS A 552 -37.48 -28.48 -16.51
N LEU A 553 -37.03 -29.07 -15.40
CA LEU A 553 -37.89 -29.26 -14.24
C LEU A 553 -38.04 -27.96 -13.45
N VAL A 554 -36.92 -27.30 -13.13
CA VAL A 554 -36.99 -26.16 -12.23
C VAL A 554 -37.46 -24.88 -12.92
N SER A 555 -37.44 -24.82 -14.25
CA SER A 555 -37.87 -23.62 -14.96
C SER A 555 -39.29 -23.73 -15.49
N ALA A 556 -40.06 -24.71 -15.05
CA ALA A 556 -41.45 -24.87 -15.48
C ALA A 556 -42.37 -23.94 -14.68
N ILE B 5 24.44 21.12 -19.84
CA ILE B 5 25.05 22.25 -19.15
C ILE B 5 24.02 23.37 -18.97
N GLU B 6 23.08 23.45 -19.91
CA GLU B 6 21.97 24.40 -19.86
C GLU B 6 20.68 23.61 -19.75
N THR B 7 19.85 23.95 -18.78
CA THR B 7 18.70 23.13 -18.44
C THR B 7 17.62 23.21 -19.51
N VAL B 8 16.95 22.08 -19.76
CA VAL B 8 15.80 22.11 -20.64
C VAL B 8 14.56 22.46 -19.82
N PRO B 9 13.73 23.38 -20.31
CA PRO B 9 12.50 23.72 -19.57
C PRO B 9 11.53 22.55 -19.56
N VAL B 10 10.94 22.31 -18.38
CA VAL B 10 10.01 21.21 -18.21
C VAL B 10 8.88 21.65 -17.28
N LYS B 11 7.65 21.24 -17.60
CA LYS B 11 6.48 21.62 -16.83
C LYS B 11 5.68 20.38 -16.43
N LEU B 12 4.80 20.56 -15.46
CA LEU B 12 3.75 19.61 -15.22
C LEU B 12 2.67 19.79 -16.30
N LYS B 13 1.67 18.93 -16.26
CA LYS B 13 0.53 19.08 -17.16
C LYS B 13 -0.46 20.10 -16.59
N PRO B 14 -1.28 20.71 -17.44
CA PRO B 14 -2.12 21.83 -16.99
C PRO B 14 -3.12 21.42 -15.92
N GLY B 15 -3.26 22.28 -14.91
CA GLY B 15 -4.15 22.02 -13.79
C GLY B 15 -3.70 20.92 -12.84
N MET B 16 -2.47 20.44 -12.99
CA MET B 16 -1.93 19.35 -12.19
C MET B 16 -0.90 19.90 -11.21
N ASP B 17 -1.04 19.53 -9.94
CA ASP B 17 -0.03 19.87 -8.95
C ASP B 17 1.00 18.73 -8.82
N GLY B 18 2.13 19.03 -8.17
CA GLY B 18 3.18 18.08 -7.98
C GLY B 18 2.73 16.92 -7.12
N PRO B 19 3.53 15.85 -7.07
CA PRO B 19 3.12 14.68 -6.31
C PRO B 19 3.21 14.92 -4.81
N LYS B 20 2.25 14.34 -4.11
CA LYS B 20 2.22 14.37 -2.65
C LYS B 20 1.92 12.94 -2.20
N VAL B 21 2.89 12.05 -2.39
CA VAL B 21 2.67 10.63 -2.16
C VAL B 21 3.36 10.26 -0.86
N LYS B 22 2.63 9.53 -0.02
CA LYS B 22 3.14 9.10 1.26
C LYS B 22 4.33 8.14 1.10
N GLN B 23 5.33 8.30 1.97
CA GLN B 23 6.43 7.34 2.03
C GLN B 23 5.98 6.10 2.81
N TRP B 24 6.16 4.94 2.24
CA TRP B 24 5.69 3.76 2.96
C TRP B 24 6.77 3.25 3.92
N PRO B 25 6.40 2.40 4.87
CA PRO B 25 7.38 1.96 5.90
C PRO B 25 8.57 1.23 5.29
N LEU B 26 9.77 1.63 5.71
CA LEU B 26 11.00 1.00 5.27
C LEU B 26 11.64 0.20 6.40
N THR B 27 12.21 -0.95 6.05
CA THR B 27 13.03 -1.71 6.98
C THR B 27 14.29 -0.93 7.36
N GLU B 28 14.80 -1.26 8.56
CA GLU B 28 16.04 -0.67 9.05
C GLU B 28 17.17 -0.81 8.06
N GLU B 29 17.26 -1.95 7.39
CA GLU B 29 18.37 -2.18 6.44
C GLU B 29 18.25 -1.24 5.22
N LYS B 30 17.03 -0.94 4.79
CA LYS B 30 16.89 -0.06 3.64
C LYS B 30 17.13 1.39 4.04
N ILE B 31 16.67 1.76 5.22
CA ILE B 31 16.95 3.11 5.70
C ILE B 31 18.45 3.35 5.80
N LYS B 32 19.18 2.43 6.44
CA LYS B 32 20.65 2.55 6.53
C LYS B 32 21.27 2.68 5.15
N ALA B 33 20.84 1.84 4.20
CA ALA B 33 21.39 1.88 2.86
C ALA B 33 21.13 3.24 2.21
N LEU B 34 19.91 3.76 2.37
CA LEU B 34 19.54 5.02 1.73
C LEU B 34 20.22 6.21 2.40
N VAL B 35 20.50 6.11 3.70
CA VAL B 35 21.18 7.22 4.36
C VAL B 35 22.61 7.37 3.84
N GLU B 36 23.26 6.22 3.60
CA GLU B 36 24.64 6.24 3.05
C GLU B 36 24.57 6.73 1.60
N ILE B 37 23.67 6.15 0.80
CA ILE B 37 23.58 6.53 -0.62
C ILE B 37 23.32 8.02 -0.75
N CYS B 38 22.37 8.56 0.03
CA CYS B 38 22.00 9.96 -0.16
C CYS B 38 23.08 10.91 0.34
N THR B 39 23.80 10.51 1.40
CA THR B 39 24.95 11.29 1.84
C THR B 39 25.97 11.45 0.70
N GLU B 40 26.30 10.33 0.04
CA GLU B 40 27.20 10.38 -1.12
C GLU B 40 26.63 11.23 -2.24
N MET B 41 25.34 11.07 -2.58
CA MET B 41 24.75 11.86 -3.65
C MET B 41 24.77 13.34 -3.34
N GLU B 42 24.49 13.72 -2.08
CA GLU B 42 24.52 15.13 -1.73
C GLU B 42 25.94 15.68 -1.84
N LYS B 43 26.92 14.86 -1.43
CA LYS B 43 28.33 15.24 -1.56
C LYS B 43 28.70 15.47 -3.02
N GLU B 44 28.16 14.65 -3.93
CA GLU B 44 28.46 14.78 -5.35
C GLU B 44 27.49 15.72 -6.09
N GLY B 45 26.74 16.55 -5.36
CA GLY B 45 25.89 17.57 -5.96
C GLY B 45 24.61 17.10 -6.65
N LYS B 46 24.32 15.79 -6.62
CA LYS B 46 23.17 15.25 -7.34
C LYS B 46 21.85 15.63 -6.67
N ILE B 47 21.83 15.68 -5.33
CA ILE B 47 20.64 16.06 -4.57
C ILE B 47 21.04 17.10 -3.55
N SER B 48 20.04 17.84 -3.07
CA SER B 48 20.21 18.83 -2.02
C SER B 48 19.10 18.71 -0.99
N LYS B 49 19.42 19.02 0.27
CA LYS B 49 18.41 19.09 1.32
C LYS B 49 17.44 20.24 1.05
N ILE B 50 16.17 20.05 1.44
CA ILE B 50 15.12 21.03 1.17
C ILE B 50 14.41 21.40 2.46
N GLY B 51 13.66 22.49 2.39
CA GLY B 51 12.95 23.03 3.53
C GLY B 51 11.49 22.65 3.54
N PRO B 52 10.78 23.09 4.58
CA PRO B 52 9.35 22.76 4.71
C PRO B 52 8.47 23.50 3.72
N GLU B 53 9.00 24.50 3.01
CA GLU B 53 8.18 25.14 1.99
C GLU B 53 8.00 24.24 0.79
N ASN B 54 8.61 23.07 0.78
CA ASN B 54 8.38 22.08 -0.27
C ASN B 54 7.41 21.03 0.28
N PRO B 55 6.14 21.03 -0.13
CA PRO B 55 5.17 20.05 0.38
C PRO B 55 5.08 18.76 -0.42
N TYR B 56 5.89 18.58 -1.45
CA TYR B 56 5.74 17.43 -2.35
C TYR B 56 6.47 16.20 -1.82
N ASN B 57 6.06 15.04 -2.33
CA ASN B 57 6.78 13.85 -1.94
C ASN B 57 6.55 12.73 -2.95
N THR B 58 7.61 12.00 -3.20
CA THR B 58 7.60 10.73 -3.93
C THR B 58 8.25 9.67 -3.05
N PRO B 59 7.73 8.44 -3.02
CA PRO B 59 8.36 7.42 -2.18
C PRO B 59 9.65 6.90 -2.77
N VAL B 60 10.52 6.44 -1.88
CA VAL B 60 11.80 5.86 -2.23
C VAL B 60 11.97 4.53 -1.49
N PHE B 61 12.67 3.60 -2.12
CA PHE B 61 13.21 2.44 -1.42
C PHE B 61 14.51 2.05 -2.12
N ALA B 62 14.95 0.83 -1.91
CA ALA B 62 16.23 0.38 -2.43
C ALA B 62 16.12 -1.11 -2.71
N ILE B 63 16.88 -1.57 -3.69
CA ILE B 63 16.96 -2.99 -4.04
C ILE B 63 18.44 -3.37 -4.15
N LYS B 64 18.73 -4.65 -3.97
CA LYS B 64 20.10 -5.08 -4.14
C LYS B 64 20.10 -6.53 -4.56
N LYS B 65 21.17 -6.96 -5.21
CA LYS B 65 21.41 -8.35 -5.56
C LYS B 65 21.92 -8.97 -4.29
N LYS B 66 21.54 -10.20 -4.05
CA LYS B 66 21.88 -10.94 -2.85
C LYS B 66 23.39 -11.03 -2.63
N ASP B 67 24.19 -11.00 -3.70
CA ASP B 67 25.64 -11.13 -3.60
C ASP B 67 26.38 -9.81 -3.86
N SER B 68 25.82 -8.67 -3.48
CA SER B 68 26.38 -7.39 -3.91
C SER B 68 26.82 -6.46 -2.77
N THR B 69 26.02 -6.35 -1.69
CA THR B 69 26.21 -5.33 -0.66
C THR B 69 26.06 -3.91 -1.20
N LYS B 70 26.10 -3.74 -2.53
CA LYS B 70 25.84 -2.46 -3.16
C LYS B 70 24.33 -2.34 -3.42
N TRP B 71 23.70 -1.32 -2.86
CA TRP B 71 22.26 -1.11 -3.04
C TRP B 71 22.01 -0.13 -4.18
N ARG B 72 20.89 -0.34 -4.87
CA ARG B 72 20.41 0.55 -5.92
C ARG B 72 19.24 1.38 -5.34
N LYS B 73 19.39 2.70 -5.34
CA LYS B 73 18.29 3.57 -4.97
C LYS B 73 17.16 3.43 -5.99
N LEU B 74 15.93 3.25 -5.52
CA LEU B 74 14.78 3.15 -6.42
C LEU B 74 13.72 4.15 -5.96
N VAL B 75 13.54 5.20 -6.73
CA VAL B 75 12.49 6.18 -6.46
C VAL B 75 11.24 5.76 -7.21
N ASP B 76 10.09 5.80 -6.54
CA ASP B 76 8.86 5.39 -7.22
C ASP B 76 8.22 6.64 -7.81
N PHE B 77 8.64 7.01 -9.03
CA PHE B 77 8.12 8.20 -9.71
C PHE B 77 6.79 7.96 -10.45
N ARG B 78 6.05 6.89 -10.17
CA ARG B 78 4.86 6.61 -10.98
C ARG B 78 3.93 7.82 -11.04
N GLU B 79 3.73 8.51 -9.91
CA GLU B 79 2.81 9.64 -9.89
C GLU B 79 3.39 10.83 -10.64
N LEU B 80 4.66 11.19 -10.37
CA LEU B 80 5.28 12.30 -11.10
C LEU B 80 5.28 12.03 -12.61
N ASN B 81 5.54 10.79 -13.02
CA ASN B 81 5.56 10.47 -14.43
C ASN B 81 4.19 10.67 -15.06
N LYS B 82 3.12 10.46 -14.28
CA LYS B 82 1.77 10.70 -14.77
C LYS B 82 1.51 12.19 -14.94
N ARG B 83 2.03 13.02 -14.04
CA ARG B 83 1.74 14.43 -13.99
C ARG B 83 2.76 15.29 -14.72
N THR B 84 3.68 14.69 -15.43
CA THR B 84 4.69 15.44 -16.17
C THR B 84 4.28 15.55 -17.63
N GLN B 85 4.51 16.73 -18.22
CA GLN B 85 4.19 16.92 -19.63
C GLN B 85 4.85 15.83 -20.47
N ASP B 86 4.18 15.46 -21.55
CA ASP B 86 4.72 14.53 -22.54
C ASP B 86 5.39 15.34 -23.63
N PHE B 87 6.68 15.09 -23.85
CA PHE B 87 7.53 15.95 -24.68
C PHE B 87 7.54 15.46 -26.12
N TRP B 88 6.80 16.15 -26.98
CA TRP B 88 6.81 15.98 -28.43
C TRP B 88 7.48 17.16 -29.10
N GLU B 89 8.47 17.76 -28.42
CA GLU B 89 9.10 18.95 -28.97
C GLU B 89 10.11 18.58 -30.08
N VAL B 90 11.03 17.67 -29.78
CA VAL B 90 12.03 17.28 -30.77
C VAL B 90 11.61 16.03 -31.53
N GLN B 91 10.89 15.10 -30.88
CA GLN B 91 10.33 13.93 -31.54
C GLN B 91 8.95 13.66 -30.96
N LEU B 92 8.03 13.22 -31.82
CA LEU B 92 6.74 12.73 -31.35
C LEU B 92 6.88 11.45 -30.54
N GLY B 93 8.06 10.93 -30.39
CA GLY B 93 8.31 9.74 -29.62
C GLY B 93 9.33 8.88 -30.32
N ILE B 94 9.50 7.67 -29.81
CA ILE B 94 10.39 6.69 -30.40
C ILE B 94 9.56 5.78 -31.30
N PRO B 95 9.83 5.71 -32.60
CA PRO B 95 9.32 4.59 -33.38
C PRO B 95 9.87 3.29 -32.82
N HIS B 96 9.04 2.55 -32.08
CA HIS B 96 9.55 1.39 -31.36
C HIS B 96 10.17 0.38 -32.33
N PRO B 97 11.40 -0.11 -32.06
CA PRO B 97 12.05 -1.02 -33.02
C PRO B 97 11.45 -2.41 -33.03
N ALA B 98 10.69 -2.71 -34.08
CA ALA B 98 10.01 -4.01 -34.16
C ALA B 98 10.99 -5.17 -34.26
N GLY B 99 12.22 -4.91 -34.70
CA GLY B 99 13.22 -5.96 -34.78
C GLY B 99 13.87 -6.33 -33.48
N LEU B 100 13.65 -5.56 -32.40
CA LEU B 100 14.33 -5.87 -31.15
C LEU B 100 13.91 -7.25 -30.64
N LYS B 101 12.60 -7.54 -30.67
CA LYS B 101 12.06 -8.82 -30.22
C LYS B 101 12.50 -10.00 -31.09
N LYS B 102 13.22 -9.75 -32.17
CA LYS B 102 13.65 -10.80 -33.07
C LYS B 102 15.11 -11.21 -32.88
N LYS B 103 15.86 -10.51 -32.03
CA LYS B 103 17.28 -10.81 -31.88
C LYS B 103 17.51 -12.04 -31.02
N LYS B 104 18.51 -12.84 -31.42
CA LYS B 104 18.78 -14.04 -30.63
C LYS B 104 19.30 -13.72 -29.24
N SER B 105 19.75 -12.51 -28.97
CA SER B 105 20.18 -12.14 -27.63
C SER B 105 19.92 -10.66 -27.43
N VAL B 106 19.30 -10.32 -26.31
CA VAL B 106 19.12 -8.92 -25.93
C VAL B 106 19.65 -8.79 -24.50
N THR B 107 20.65 -7.93 -24.32
CA THR B 107 21.22 -7.67 -23.02
C THR B 107 20.65 -6.36 -22.48
N VAL B 108 20.21 -6.40 -21.22
CA VAL B 108 19.62 -5.25 -20.53
C VAL B 108 20.70 -4.61 -19.65
N LEU B 109 21.02 -3.34 -19.92
CA LEU B 109 21.95 -2.61 -19.07
C LEU B 109 21.25 -1.46 -18.31
N ASP B 110 21.68 -1.27 -17.06
CA ASP B 110 21.32 -0.09 -16.28
C ASP B 110 22.31 1.02 -16.62
N VAL B 111 21.85 2.01 -17.40
CA VAL B 111 22.64 3.16 -17.80
C VAL B 111 22.14 4.44 -17.14
N GLY B 112 21.23 4.34 -16.16
CA GLY B 112 20.66 5.52 -15.53
C GLY B 112 21.67 6.44 -14.87
N ASP B 113 22.83 5.92 -14.48
CA ASP B 113 23.85 6.76 -13.84
C ASP B 113 24.32 7.86 -14.79
N ALA B 114 24.25 7.64 -16.09
CA ALA B 114 24.64 8.68 -17.04
C ALA B 114 23.71 9.89 -16.93
N TYR B 115 22.48 9.68 -16.46
CA TYR B 115 21.53 10.78 -16.37
C TYR B 115 22.00 11.86 -15.42
N PHE B 116 22.72 11.48 -14.37
CA PHE B 116 23.12 12.44 -13.34
C PHE B 116 24.02 13.53 -13.89
N SER B 117 24.54 13.37 -15.11
CA SER B 117 25.40 14.39 -15.70
C SER B 117 24.65 15.62 -16.19
N VAL B 118 23.33 15.58 -16.27
CA VAL B 118 22.54 16.67 -16.83
C VAL B 118 21.80 17.38 -15.69
N PRO B 119 21.91 18.70 -15.60
CA PRO B 119 21.19 19.42 -14.55
C PRO B 119 19.69 19.43 -14.83
N LEU B 120 18.91 19.37 -13.76
CA LEU B 120 17.47 19.46 -13.86
C LEU B 120 17.03 20.92 -13.75
N ASP B 121 16.08 21.30 -14.62
CA ASP B 121 15.46 22.62 -14.61
C ASP B 121 15.15 23.09 -13.18
N GLU B 122 15.65 24.28 -12.85
CA GLU B 122 15.64 24.77 -11.47
C GLU B 122 14.22 24.91 -10.91
N ASP B 123 13.25 25.26 -11.77
CA ASP B 123 11.86 25.40 -11.34
C ASP B 123 11.15 24.06 -11.17
N PHE B 124 11.68 22.99 -11.75
CA PHE B 124 11.03 21.68 -11.66
C PHE B 124 11.52 20.85 -10.49
N ARG B 125 12.68 21.19 -9.91
CA ARG B 125 13.34 20.31 -8.95
C ARG B 125 12.45 19.97 -7.77
N LYS B 126 11.67 20.96 -7.30
CA LYS B 126 10.86 20.75 -6.10
C LYS B 126 9.93 19.56 -6.24
N TYR B 127 9.50 19.24 -7.46
CA TYR B 127 8.59 18.11 -7.62
C TYR B 127 9.28 16.76 -7.48
N THR B 128 10.61 16.72 -7.41
CA THR B 128 11.35 15.48 -7.15
C THR B 128 11.63 15.25 -5.68
N ALA B 129 10.98 16.00 -4.77
CA ALA B 129 11.20 15.84 -3.34
C ALA B 129 10.96 14.40 -2.90
N PHE B 130 11.81 13.91 -2.00
CA PHE B 130 11.61 12.61 -1.36
C PHE B 130 12.10 12.68 0.08
N THR B 131 11.73 11.67 0.87
CA THR B 131 12.00 11.64 2.30
C THR B 131 12.65 10.32 2.67
N ILE B 132 13.73 10.35 3.44
CA ILE B 132 14.27 9.16 4.08
C ILE B 132 13.69 9.10 5.48
N PRO B 133 12.79 8.16 5.78
CA PRO B 133 12.18 8.11 7.11
C PRO B 133 13.16 7.56 8.15
N SER B 134 12.81 7.73 9.41
CA SER B 134 13.53 7.11 10.50
C SER B 134 12.66 6.04 11.13
N ILE B 135 13.30 4.98 11.62
CA ILE B 135 12.56 3.96 12.36
C ILE B 135 11.79 4.63 13.48
N ASN B 136 10.50 4.31 13.55
CA ASN B 136 9.59 4.79 14.59
C ASN B 136 9.47 6.31 14.61
N ASN B 137 9.87 6.97 13.51
CA ASN B 137 9.75 8.44 13.39
C ASN B 137 10.42 9.17 14.56
N GLU B 138 11.48 8.58 15.11
CA GLU B 138 12.11 9.17 16.30
C GLU B 138 12.88 10.44 15.96
N THR B 139 13.39 10.55 14.74
CA THR B 139 14.04 11.75 14.21
C THR B 139 13.30 12.20 12.95
N PRO B 140 13.31 13.50 12.65
CA PRO B 140 12.58 13.97 11.46
C PRO B 140 13.16 13.36 10.21
N GLY B 141 12.26 13.00 9.29
CA GLY B 141 12.71 12.39 8.04
C GLY B 141 13.64 13.34 7.30
N ILE B 142 14.63 12.79 6.63
CA ILE B 142 15.58 13.61 5.89
C ILE B 142 14.98 13.95 4.53
N ARG B 143 14.87 15.23 4.23
CA ARG B 143 14.22 15.68 3.01
C ARG B 143 15.24 16.16 1.98
N TYR B 144 15.11 15.66 0.75
CA TYR B 144 15.97 16.04 -0.37
C TYR B 144 15.15 16.30 -1.62
N GLN B 145 15.75 17.00 -2.57
CA GLN B 145 15.26 17.05 -3.94
C GLN B 145 16.46 16.93 -4.89
N TYR B 146 16.17 16.64 -6.16
CA TYR B 146 17.21 16.41 -7.15
C TYR B 146 17.63 17.72 -7.80
N ASN B 147 18.92 17.84 -8.10
CA ASN B 147 19.50 18.93 -8.88
C ASN B 147 19.77 18.52 -10.31
N VAL B 148 19.66 17.23 -10.60
CA VAL B 148 20.03 16.65 -11.87
C VAL B 148 18.96 15.64 -12.26
N LEU B 149 19.01 15.19 -13.51
CA LEU B 149 18.04 14.24 -14.00
C LEU B 149 18.02 13.00 -13.10
N PRO B 150 16.88 12.65 -12.50
CA PRO B 150 16.83 11.47 -11.65
C PRO B 150 16.53 10.19 -12.42
N GLN B 151 17.14 9.09 -11.99
CA GLN B 151 16.72 7.79 -12.50
C GLN B 151 15.26 7.49 -12.17
N GLY B 152 14.60 6.83 -13.12
CA GLY B 152 13.22 6.45 -12.95
C GLY B 152 12.21 7.49 -13.39
N TRP B 153 12.64 8.72 -13.69
CA TRP B 153 11.68 9.73 -14.11
C TRP B 153 11.58 9.76 -15.63
N LYS B 154 10.33 9.90 -16.08
CA LYS B 154 10.02 9.84 -17.51
C LYS B 154 10.83 10.86 -18.31
N GLY B 155 11.07 12.04 -17.73
CA GLY B 155 11.77 13.09 -18.46
C GLY B 155 13.24 12.82 -18.68
N SER B 156 13.87 11.98 -17.84
CA SER B 156 15.32 11.83 -17.92
C SER B 156 15.76 11.25 -19.26
N PRO B 157 15.28 10.08 -19.71
CA PRO B 157 15.75 9.60 -21.01
C PRO B 157 15.43 10.54 -22.17
N ALA B 158 14.30 11.25 -22.09
CA ALA B 158 13.95 12.21 -23.13
C ALA B 158 14.97 13.34 -23.20
N ILE B 159 15.23 14.01 -22.08
CA ILE B 159 16.16 15.14 -22.08
C ILE B 159 17.58 14.69 -22.40
N PHE B 160 17.96 13.48 -21.96
CA PHE B 160 19.29 12.97 -22.23
C PHE B 160 19.42 12.31 -23.60
N GLN B 161 18.31 12.13 -24.32
CA GLN B 161 18.33 11.40 -25.58
C GLN B 161 19.26 12.07 -26.60
N SER B 162 19.30 13.40 -26.61
CA SER B 162 20.20 14.12 -27.51
C SER B 162 21.67 13.76 -27.22
N SER B 163 22.02 13.64 -25.94
CA SER B 163 23.37 13.23 -25.58
C SER B 163 23.61 11.75 -25.82
N MET B 164 22.58 10.90 -25.66
CA MET B 164 22.80 9.46 -25.71
C MET B 164 23.13 8.99 -27.12
N THR B 165 22.41 9.51 -28.12
CA THR B 165 22.75 9.19 -29.50
C THR B 165 24.20 9.57 -29.79
N LYS B 166 24.61 10.75 -29.33
CA LYS B 166 25.96 11.24 -29.54
C LYS B 166 27.01 10.43 -28.79
N ILE B 167 26.63 9.58 -27.84
CA ILE B 167 27.63 8.70 -27.22
C ILE B 167 27.76 7.36 -27.92
N LEU B 168 26.68 6.84 -28.49
CA LEU B 168 26.61 5.61 -29.27
C LEU B 168 27.05 5.82 -30.72
N GLU B 169 27.67 6.96 -31.05
CA GLU B 169 28.04 7.28 -32.41
C GLU B 169 29.27 6.51 -32.88
N PRO B 170 30.07 5.89 -32.02
CA PRO B 170 31.07 4.99 -32.59
C PRO B 170 30.49 3.60 -32.80
N PHE B 171 29.76 3.10 -31.80
CA PHE B 171 29.00 1.88 -31.96
C PHE B 171 28.00 1.99 -33.13
N LYS B 172 27.58 3.20 -33.51
CA LYS B 172 26.51 3.36 -34.55
C LYS B 172 26.82 2.64 -35.87
N LYS B 173 27.86 3.04 -36.60
CA LYS B 173 28.13 2.53 -37.93
C LYS B 173 29.10 1.37 -37.91
N GLN B 174 29.77 1.14 -36.77
CA GLN B 174 30.65 -0.02 -36.64
C GLN B 174 29.87 -1.33 -36.51
N ASN B 175 28.68 -1.29 -35.90
CA ASN B 175 27.82 -2.46 -35.77
C ASN B 175 26.43 -2.11 -36.28
N PRO B 176 26.23 -2.06 -37.60
CA PRO B 176 24.96 -1.57 -38.14
C PRO B 176 23.80 -2.55 -37.98
N ASP B 177 24.05 -3.78 -37.54
CA ASP B 177 22.99 -4.76 -37.37
C ASP B 177 22.48 -4.83 -35.93
N ILE B 178 23.17 -4.22 -34.98
CA ILE B 178 22.75 -4.20 -33.59
C ILE B 178 21.61 -3.20 -33.43
N VAL B 179 20.48 -3.66 -32.89
CA VAL B 179 19.41 -2.74 -32.52
C VAL B 179 19.62 -2.35 -31.06
N ILE B 180 19.49 -1.05 -30.79
CA ILE B 180 19.65 -0.49 -29.46
C ILE B 180 18.37 0.25 -29.11
N TYR B 181 17.83 -0.03 -27.93
CA TYR B 181 16.57 0.56 -27.48
C TYR B 181 16.68 0.99 -26.02
N GLN B 182 16.20 2.20 -25.74
CA GLN B 182 16.26 2.78 -24.40
C GLN B 182 14.85 2.88 -23.82
N TYR B 183 14.68 2.39 -22.59
CA TYR B 183 13.42 2.52 -21.87
C TYR B 183 13.72 2.89 -20.42
N MET B 184 13.26 4.08 -20.00
CA MET B 184 13.54 4.59 -18.65
C MET B 184 15.02 4.50 -18.34
N ASP B 185 15.43 3.74 -17.33
CA ASP B 185 16.86 3.65 -17.02
C ASP B 185 17.56 2.52 -17.76
N ASP B 186 16.84 1.76 -18.58
CA ASP B 186 17.33 0.54 -19.20
C ASP B 186 17.77 0.81 -20.64
N LEU B 187 18.87 0.17 -21.03
CA LEU B 187 19.29 0.11 -22.42
C LEU B 187 19.21 -1.35 -22.88
N TYR B 188 18.45 -1.61 -23.95
CA TYR B 188 18.33 -2.95 -24.52
C TYR B 188 19.21 -3.03 -25.77
N VAL B 189 20.09 -4.04 -25.84
CA VAL B 189 21.05 -4.18 -26.94
C VAL B 189 20.87 -5.58 -27.52
N GLY B 190 20.37 -5.65 -28.75
CA GLY B 190 20.01 -6.91 -29.38
C GLY B 190 20.98 -7.28 -30.49
N SER B 191 21.33 -8.55 -30.58
CA SER B 191 22.22 -9.05 -31.63
C SER B 191 21.90 -10.50 -31.92
N ASP B 192 22.22 -10.92 -33.14
CA ASP B 192 22.12 -12.31 -33.52
C ASP B 192 23.44 -13.06 -33.42
N LEU B 193 24.40 -12.46 -32.71
CA LEU B 193 25.77 -13.05 -32.67
C LEU B 193 25.94 -14.08 -31.55
N GLU B 194 26.90 -14.99 -31.71
CA GLU B 194 27.20 -16.02 -30.73
C GLU B 194 27.39 -15.37 -29.35
N ILE B 195 26.98 -16.12 -28.31
CA ILE B 195 26.84 -15.54 -26.98
C ILE B 195 28.16 -14.92 -26.51
N GLY B 196 29.29 -15.55 -26.83
CA GLY B 196 30.58 -14.96 -26.49
C GLY B 196 30.86 -13.70 -27.28
N GLN B 197 30.60 -13.74 -28.59
CA GLN B 197 30.70 -12.54 -29.43
C GLN B 197 29.70 -11.48 -29.01
N HIS B 198 28.51 -11.90 -28.56
CA HIS B 198 27.54 -10.93 -28.07
C HIS B 198 28.08 -10.18 -26.85
N ARG B 199 28.59 -10.93 -25.86
CA ARG B 199 29.06 -10.31 -24.62
C ARG B 199 30.21 -9.34 -24.87
N THR B 200 31.17 -9.73 -25.70
CA THR B 200 32.27 -8.83 -26.01
C THR B 200 31.75 -7.51 -26.58
N LYS B 201 30.72 -7.58 -27.43
CA LYS B 201 30.18 -6.33 -27.97
C LYS B 201 29.39 -5.56 -26.94
N ILE B 202 28.81 -6.25 -25.95
CA ILE B 202 28.19 -5.56 -24.83
C ILE B 202 29.24 -4.76 -24.06
N GLU B 203 30.32 -5.42 -23.65
CA GLU B 203 31.43 -4.74 -22.99
C GLU B 203 32.03 -3.67 -23.90
N GLU B 204 32.04 -3.91 -25.20
CA GLU B 204 32.34 -2.87 -26.18
C GLU B 204 31.49 -1.63 -25.94
N LEU B 205 30.19 -1.83 -25.70
CA LEU B 205 29.30 -0.70 -25.49
C LEU B 205 29.58 -0.02 -24.15
N ARG B 206 29.81 -0.82 -23.11
CA ARG B 206 30.07 -0.27 -21.78
C ARG B 206 31.22 0.73 -21.82
N GLN B 207 32.29 0.38 -22.52
CA GLN B 207 33.47 1.25 -22.58
C GLN B 207 33.14 2.60 -23.18
N HIS B 208 32.34 2.62 -24.25
CA HIS B 208 31.88 3.88 -24.83
C HIS B 208 31.25 4.79 -23.79
N LEU B 209 30.55 4.21 -22.81
CA LEU B 209 29.88 4.97 -21.76
C LEU B 209 30.83 5.36 -20.63
N LEU B 210 31.65 4.41 -20.18
CA LEU B 210 32.67 4.72 -19.18
C LEU B 210 33.66 5.74 -19.74
N ARG B 211 33.96 5.62 -21.03
CA ARG B 211 34.77 6.61 -21.74
C ARG B 211 34.18 7.99 -21.59
N TRP B 212 32.90 8.12 -21.93
CA TRP B 212 32.19 9.37 -21.79
C TRP B 212 32.19 9.87 -20.35
N GLY B 213 32.16 8.95 -19.38
CA GLY B 213 32.13 9.34 -17.99
C GLY B 213 33.32 10.19 -17.56
N LEU B 214 34.44 10.05 -18.28
CA LEU B 214 35.63 10.85 -17.97
C LEU B 214 35.92 11.84 -19.08
N GLU B 224 32.02 7.04 -10.64
CA GLU B 224 32.02 5.89 -11.56
C GLU B 224 30.72 5.11 -11.41
N PRO B 225 30.16 4.65 -12.53
CA PRO B 225 28.84 4.00 -12.51
C PRO B 225 28.85 2.73 -11.67
N PRO B 226 27.99 2.67 -10.66
CA PRO B 226 27.97 1.49 -9.76
C PRO B 226 27.41 0.21 -10.38
N PHE B 227 26.53 0.28 -11.38
CA PHE B 227 25.89 -0.95 -11.85
C PHE B 227 25.92 -1.14 -13.36
N LEU B 228 26.70 -0.33 -14.10
CA LEU B 228 26.72 -0.51 -15.55
C LEU B 228 27.38 -1.83 -15.94
N TRP B 229 28.25 -2.37 -15.09
CA TRP B 229 28.91 -3.65 -15.35
C TRP B 229 27.93 -4.83 -15.40
N MET B 230 26.71 -4.66 -14.88
CA MET B 230 25.76 -5.74 -14.89
C MET B 230 25.26 -5.97 -16.32
N GLY B 231 24.63 -7.12 -16.53
CA GLY B 231 24.05 -7.44 -17.81
C GLY B 231 23.03 -8.57 -17.72
N TYR B 232 21.75 -8.21 -17.77
CA TYR B 232 20.67 -9.21 -17.78
C TYR B 232 20.42 -9.64 -19.22
N GLU B 233 20.63 -10.92 -19.51
CA GLU B 233 20.59 -11.41 -20.87
C GLU B 233 19.24 -12.08 -21.14
N LEU B 234 18.54 -11.61 -22.17
CA LEU B 234 17.29 -12.22 -22.61
C LEU B 234 17.50 -12.85 -23.98
N HIS B 235 16.57 -13.72 -24.36
CA HIS B 235 16.59 -14.36 -25.68
C HIS B 235 15.17 -14.36 -26.22
N PRO B 236 14.69 -13.21 -26.72
CA PRO B 236 13.29 -13.11 -27.18
C PRO B 236 12.93 -14.17 -28.21
N ASP B 237 13.96 -14.70 -28.89
CA ASP B 237 13.75 -15.88 -29.74
C ASP B 237 13.31 -17.09 -28.93
N LYS B 238 13.62 -17.12 -27.62
CA LYS B 238 13.21 -18.23 -26.76
C LYS B 238 11.77 -18.09 -26.28
N TRP B 239 11.19 -16.91 -26.41
CA TRP B 239 9.91 -16.63 -25.78
C TRP B 239 8.78 -17.41 -26.43
N THR B 240 8.03 -18.13 -25.61
CA THR B 240 7.01 -19.07 -26.05
C THR B 240 5.61 -18.47 -25.92
N VAL B 241 4.66 -19.09 -26.60
CA VAL B 241 3.27 -18.66 -26.62
C VAL B 241 2.42 -19.82 -26.10
N GLN B 242 1.10 -19.63 -26.07
CA GLN B 242 0.17 -20.64 -25.56
C GLN B 242 -1.09 -20.69 -26.40
N PRO B 243 -1.09 -21.46 -27.49
CA PRO B 243 -2.33 -21.65 -28.25
C PRO B 243 -3.33 -22.49 -27.45
N ILE B 244 -4.59 -22.44 -27.87
CA ILE B 244 -5.61 -23.27 -27.23
C ILE B 244 -5.50 -24.67 -27.80
N VAL B 245 -5.33 -25.65 -26.93
CA VAL B 245 -5.18 -27.04 -27.32
C VAL B 245 -6.22 -27.87 -26.58
N LEU B 246 -6.76 -28.87 -27.26
CA LEU B 246 -7.77 -29.74 -26.68
C LEU B 246 -7.16 -31.11 -26.42
N PRO B 247 -7.62 -31.83 -25.40
CA PRO B 247 -7.02 -33.14 -25.09
C PRO B 247 -7.25 -34.10 -26.25
N GLU B 248 -6.32 -35.04 -26.39
CA GLU B 248 -6.45 -36.16 -27.32
C GLU B 248 -6.59 -37.41 -26.47
N LYS B 249 -7.77 -38.01 -26.48
CA LYS B 249 -8.05 -39.12 -25.59
C LYS B 249 -8.61 -40.28 -26.38
N ASP B 250 -8.47 -41.50 -25.81
CA ASP B 250 -9.07 -42.69 -26.38
C ASP B 250 -10.44 -42.95 -25.77
N SER B 251 -10.58 -42.66 -24.48
CA SER B 251 -11.86 -42.78 -23.80
C SER B 251 -12.15 -41.51 -23.01
N TRP B 252 -13.37 -41.03 -23.14
CA TRP B 252 -13.83 -39.80 -22.52
C TRP B 252 -14.88 -40.13 -21.46
N THR B 253 -14.64 -39.70 -20.22
CA THR B 253 -15.67 -39.74 -19.21
C THR B 253 -16.65 -38.59 -19.41
N VAL B 254 -17.82 -38.69 -18.73
CA VAL B 254 -18.73 -37.56 -18.62
C VAL B 254 -17.99 -36.31 -18.21
N ASN B 255 -17.21 -36.43 -17.13
CA ASN B 255 -16.46 -35.28 -16.64
C ASN B 255 -15.51 -34.72 -17.69
N ASP B 256 -14.76 -35.59 -18.41
CA ASP B 256 -13.87 -35.09 -19.46
C ASP B 256 -14.65 -34.28 -20.49
N ILE B 257 -15.80 -34.80 -20.92
CA ILE B 257 -16.59 -34.11 -21.96
C ILE B 257 -17.16 -32.79 -21.44
N GLN B 258 -17.64 -32.77 -20.19
CA GLN B 258 -18.05 -31.52 -19.56
C GLN B 258 -16.93 -30.48 -19.61
N LYS B 259 -15.71 -30.88 -19.21
CA LYS B 259 -14.67 -29.86 -19.21
C LYS B 259 -14.27 -29.47 -20.62
N LEU B 260 -14.35 -30.40 -21.59
CA LEU B 260 -14.13 -30.02 -22.99
C LEU B 260 -15.17 -28.99 -23.43
N VAL B 261 -16.47 -29.25 -23.19
CA VAL B 261 -17.48 -28.30 -23.66
C VAL B 261 -17.36 -26.98 -22.92
N GLY B 262 -16.98 -27.00 -21.64
CA GLY B 262 -16.73 -25.73 -20.96
C GLY B 262 -15.58 -24.97 -21.62
N LYS B 263 -14.49 -25.67 -21.90
CA LYS B 263 -13.36 -25.03 -22.56
C LYS B 263 -13.76 -24.50 -23.94
N LEU B 264 -14.53 -25.29 -24.70
CA LEU B 264 -14.91 -24.85 -26.04
C LEU B 264 -15.88 -23.67 -25.99
N ASN B 265 -16.80 -23.67 -25.02
CA ASN B 265 -17.70 -22.55 -24.74
C ASN B 265 -16.92 -21.24 -24.61
N TRP B 266 -15.90 -21.27 -23.77
CA TRP B 266 -15.03 -20.10 -23.59
C TRP B 266 -14.31 -19.74 -24.89
N ALA B 267 -13.72 -20.73 -25.54
CA ALA B 267 -12.96 -20.48 -26.77
C ALA B 267 -13.86 -19.90 -27.87
N SER B 268 -15.13 -20.29 -27.91
CA SER B 268 -16.05 -19.70 -28.87
C SER B 268 -16.20 -18.18 -28.70
N GLN B 269 -15.90 -17.64 -27.50
CA GLN B 269 -15.85 -16.20 -27.32
C GLN B 269 -14.65 -15.57 -28.00
N ILE B 270 -13.61 -16.35 -28.30
CA ILE B 270 -12.42 -15.86 -28.97
C ILE B 270 -12.43 -16.24 -30.45
N TYR B 271 -12.84 -17.49 -30.76
CA TYR B 271 -12.87 -18.04 -32.11
C TYR B 271 -14.31 -18.25 -32.54
N PRO B 272 -14.69 -17.73 -33.70
CA PRO B 272 -16.12 -17.66 -34.04
C PRO B 272 -16.72 -19.01 -34.36
N GLY B 273 -16.10 -19.76 -35.27
CA GLY B 273 -16.73 -20.94 -35.81
C GLY B 273 -16.80 -22.13 -34.87
N ILE B 274 -16.40 -21.96 -33.61
CA ILE B 274 -16.36 -23.09 -32.69
C ILE B 274 -17.78 -23.49 -32.30
N LYS B 275 -18.08 -24.79 -32.40
CA LYS B 275 -19.40 -25.32 -32.12
C LYS B 275 -19.31 -26.43 -31.07
N VAL B 276 -20.37 -26.55 -30.25
CA VAL B 276 -20.40 -27.54 -29.18
C VAL B 276 -21.69 -28.34 -29.21
N ARG B 277 -22.51 -28.11 -30.23
CA ARG B 277 -23.82 -28.75 -30.37
C ARG B 277 -23.70 -30.26 -30.24
N GLN B 278 -22.88 -30.85 -31.11
CA GLN B 278 -22.80 -32.31 -31.17
C GLN B 278 -22.16 -32.88 -29.90
N LEU B 279 -21.23 -32.15 -29.29
CA LEU B 279 -20.61 -32.64 -28.06
C LEU B 279 -21.54 -32.47 -26.88
N SER B 280 -22.24 -31.34 -26.79
CA SER B 280 -23.25 -31.14 -25.75
C SER B 280 -24.27 -32.28 -25.75
N LYS B 281 -24.60 -32.78 -26.95
CA LYS B 281 -25.56 -33.87 -27.08
C LYS B 281 -25.10 -35.13 -26.34
N LEU B 282 -23.78 -35.30 -26.18
CA LEU B 282 -23.29 -36.44 -25.41
C LEU B 282 -23.63 -36.29 -23.93
N LEU B 283 -23.79 -35.07 -23.45
CA LEU B 283 -24.15 -34.93 -22.06
C LEU B 283 -25.64 -35.15 -21.84
N ARG B 284 -26.41 -35.39 -22.91
CA ARG B 284 -27.79 -35.87 -22.83
C ARG B 284 -27.87 -37.10 -21.94
N GLY B 285 -28.41 -36.94 -20.74
CA GLY B 285 -28.48 -38.06 -19.84
C GLY B 285 -27.85 -37.77 -18.49
N THR B 286 -28.21 -38.57 -17.50
CA THR B 286 -27.81 -38.33 -16.12
C THR B 286 -26.83 -39.39 -15.68
N LYS B 287 -25.68 -39.47 -16.33
CA LYS B 287 -24.78 -40.57 -16.02
C LYS B 287 -23.81 -40.17 -14.93
N ALA B 288 -23.18 -41.18 -14.33
CA ALA B 288 -22.13 -40.96 -13.35
C ALA B 288 -20.99 -40.16 -13.96
N LEU B 289 -20.42 -39.23 -13.18
CA LEU B 289 -19.33 -38.36 -13.68
C LEU B 289 -18.16 -39.16 -14.23
N THR B 290 -17.92 -40.35 -13.70
CA THR B 290 -16.76 -41.15 -14.09
C THR B 290 -17.06 -42.18 -15.16
N GLU B 291 -18.29 -42.26 -15.65
CA GLU B 291 -18.61 -43.21 -16.71
C GLU B 291 -18.00 -42.76 -18.04
N VAL B 292 -17.37 -43.71 -18.73
CA VAL B 292 -16.86 -43.46 -20.08
C VAL B 292 -18.01 -43.41 -21.08
N ILE B 293 -18.03 -42.39 -21.91
CA ILE B 293 -19.02 -42.24 -22.99
C ILE B 293 -18.30 -42.34 -24.32
N PRO B 294 -18.73 -43.24 -25.21
CA PRO B 294 -18.15 -43.29 -26.54
C PRO B 294 -18.59 -42.09 -27.36
N LEU B 295 -17.68 -41.62 -28.22
CA LEU B 295 -17.89 -40.43 -29.01
C LEU B 295 -18.67 -40.79 -30.27
N THR B 296 -19.83 -40.15 -30.46
CA THR B 296 -20.54 -40.27 -31.74
C THR B 296 -19.68 -39.70 -32.87
N GLU B 297 -20.02 -40.11 -34.09
CA GLU B 297 -19.24 -39.63 -35.21
C GLU B 297 -19.52 -38.16 -35.50
N GLU B 298 -20.74 -37.68 -35.28
CA GLU B 298 -21.00 -36.24 -35.42
C GLU B 298 -20.22 -35.43 -34.40
N ALA B 299 -20.04 -35.98 -33.18
CA ALA B 299 -19.22 -35.32 -32.18
C ALA B 299 -17.75 -35.39 -32.56
N GLU B 300 -17.33 -36.52 -33.13
CA GLU B 300 -15.97 -36.66 -33.62
C GLU B 300 -15.65 -35.60 -34.68
N LEU B 301 -16.56 -35.42 -35.62
CA LEU B 301 -16.39 -34.38 -36.64
C LEU B 301 -16.28 -33.00 -35.99
N GLU B 302 -17.22 -32.68 -35.08
CA GLU B 302 -17.22 -31.39 -34.40
C GLU B 302 -15.90 -31.14 -33.70
N LEU B 303 -15.42 -32.13 -32.95
CA LEU B 303 -14.14 -31.98 -32.25
C LEU B 303 -13.00 -31.72 -33.22
N ALA B 304 -12.96 -32.45 -34.33
CA ALA B 304 -11.88 -32.27 -35.29
C ALA B 304 -11.97 -30.87 -35.92
N GLU B 305 -13.17 -30.45 -36.32
CA GLU B 305 -13.29 -29.11 -36.88
C GLU B 305 -12.85 -28.04 -35.89
N ASN B 306 -13.23 -28.19 -34.62
CA ASN B 306 -12.77 -27.27 -33.58
C ASN B 306 -11.25 -27.25 -33.48
N ARG B 307 -10.62 -28.42 -33.50
CA ARG B 307 -9.16 -28.47 -33.41
C ARG B 307 -8.50 -27.67 -34.52
N GLU B 308 -9.05 -27.74 -35.73
CA GLU B 308 -8.47 -27.00 -36.85
C GLU B 308 -8.72 -25.51 -36.72
N ILE B 309 -9.86 -25.11 -36.15
CA ILE B 309 -10.11 -23.69 -35.90
C ILE B 309 -9.05 -23.14 -34.95
N LEU B 310 -8.76 -23.87 -33.89
CA LEU B 310 -7.83 -23.42 -32.86
C LEU B 310 -6.39 -23.34 -33.36
N LYS B 311 -6.10 -23.91 -34.54
CA LYS B 311 -4.77 -23.83 -35.13
C LYS B 311 -4.50 -22.48 -35.77
N GLU B 312 -5.54 -21.69 -36.04
CA GLU B 312 -5.39 -20.43 -36.75
C GLU B 312 -5.20 -19.26 -35.77
N PRO B 313 -4.73 -18.11 -36.26
CA PRO B 313 -4.65 -16.94 -35.38
C PRO B 313 -6.03 -16.39 -35.06
N VAL B 314 -6.11 -15.69 -33.92
CA VAL B 314 -7.30 -14.90 -33.65
C VAL B 314 -7.50 -13.88 -34.76
N HIS B 315 -8.77 -13.61 -35.08
CA HIS B 315 -9.14 -12.68 -36.13
CA HIS B 315 -9.12 -12.68 -36.14
C HIS B 315 -9.23 -11.27 -35.59
N GLY B 316 -8.81 -10.29 -36.39
CA GLY B 316 -8.92 -8.89 -36.02
C GLY B 316 -8.11 -8.47 -34.82
N VAL B 317 -6.92 -9.04 -34.64
CA VAL B 317 -6.05 -8.69 -33.53
C VAL B 317 -5.00 -7.72 -34.04
N TYR B 318 -4.84 -6.60 -33.34
CA TYR B 318 -4.05 -5.47 -33.76
C TYR B 318 -3.62 -4.70 -32.52
N TYR B 319 -2.39 -4.21 -32.47
CA TYR B 319 -1.93 -3.36 -31.38
C TYR B 319 -2.25 -1.90 -31.69
N ASP B 320 -2.89 -1.22 -30.74
CA ASP B 320 -3.08 0.22 -30.90
C ASP B 320 -2.28 0.94 -29.83
N PRO B 321 -1.28 1.73 -30.24
CA PRO B 321 -0.41 2.43 -29.27
C PRO B 321 -1.13 3.47 -28.44
N SER B 322 -2.37 3.84 -28.78
CA SER B 322 -3.08 4.79 -27.95
C SER B 322 -3.72 4.14 -26.73
N LYS B 323 -3.90 2.82 -26.73
CA LYS B 323 -4.58 2.14 -25.64
C LYS B 323 -3.59 1.48 -24.68
N ASP B 324 -4.02 1.33 -23.44
CA ASP B 324 -3.26 0.62 -22.42
C ASP B 324 -3.12 -0.86 -22.77
N LEU B 325 -2.00 -1.44 -22.37
CA LEU B 325 -1.87 -2.90 -22.30
C LEU B 325 -2.31 -3.39 -20.92
N ILE B 326 -3.04 -4.50 -20.90
CA ILE B 326 -3.51 -5.12 -19.67
C ILE B 326 -2.92 -6.51 -19.60
N ALA B 327 -2.39 -6.87 -18.44
CA ALA B 327 -1.82 -8.19 -18.22
C ALA B 327 -2.56 -8.87 -17.08
N GLU B 328 -3.06 -10.07 -17.34
CA GLU B 328 -3.64 -10.91 -16.30
C GLU B 328 -2.77 -12.11 -16.01
N ILE B 329 -2.74 -12.55 -14.76
CA ILE B 329 -1.93 -13.67 -14.32
C ILE B 329 -2.81 -14.63 -13.53
N GLN B 330 -2.61 -15.94 -13.74
CA GLN B 330 -3.28 -16.95 -12.92
C GLN B 330 -2.23 -17.87 -12.31
N LYS B 331 -2.45 -18.18 -11.04
CA LYS B 331 -1.65 -19.17 -10.33
C LYS B 331 -2.15 -20.56 -10.73
N GLN B 332 -1.27 -21.38 -11.33
CA GLN B 332 -1.68 -22.73 -11.72
C GLN B 332 -1.17 -23.79 -10.76
N GLY B 333 -0.38 -23.42 -9.75
CA GLY B 333 0.13 -24.39 -8.80
C GLY B 333 1.47 -24.95 -9.23
N GLN B 334 2.18 -25.53 -8.25
CA GLN B 334 3.46 -26.19 -8.50
C GLN B 334 4.44 -25.23 -9.16
N GLY B 335 4.35 -23.95 -8.79
CA GLY B 335 5.23 -22.93 -9.34
C GLY B 335 4.95 -22.56 -10.78
N GLN B 336 3.76 -22.85 -11.30
CA GLN B 336 3.42 -22.54 -12.68
C GLN B 336 2.48 -21.35 -12.70
N TRP B 337 2.69 -20.45 -13.65
CA TRP B 337 1.89 -19.23 -13.79
C TRP B 337 1.58 -18.99 -15.26
N THR B 338 0.33 -18.73 -15.57
CA THR B 338 -0.09 -18.37 -16.92
C THR B 338 -0.43 -16.88 -16.96
N TYR B 339 -0.33 -16.29 -18.15
CA TYR B 339 -0.62 -14.88 -18.25
C TYR B 339 -0.98 -14.55 -19.69
N GLN B 340 -1.74 -13.47 -19.85
CA GLN B 340 -2.22 -12.99 -21.13
C GLN B 340 -2.08 -11.49 -21.14
N ILE B 341 -1.66 -10.94 -22.28
CA ILE B 341 -1.56 -9.51 -22.49
C ILE B 341 -2.53 -9.13 -23.59
N TYR B 342 -3.40 -8.16 -23.31
CA TYR B 342 -4.36 -7.74 -24.30
C TYR B 342 -4.69 -6.27 -24.12
N GLN B 343 -5.44 -5.74 -25.08
CA GLN B 343 -6.02 -4.41 -24.99
C GLN B 343 -7.53 -4.43 -24.96
N GLU B 344 -8.13 -5.29 -25.77
CA GLU B 344 -9.55 -5.58 -25.76
C GLU B 344 -9.75 -7.00 -25.25
N PRO B 345 -10.80 -7.25 -24.49
CA PRO B 345 -11.05 -8.62 -24.02
C PRO B 345 -11.15 -9.60 -25.18
N PHE B 346 -10.57 -10.79 -24.98
CA PHE B 346 -10.54 -11.89 -25.93
C PHE B 346 -9.71 -11.58 -27.17
N LYS B 347 -9.02 -10.45 -27.21
CA LYS B 347 -8.10 -10.15 -28.30
C LYS B 347 -6.68 -10.14 -27.73
N ASN B 348 -6.21 -11.33 -27.35
CA ASN B 348 -4.90 -11.47 -26.74
C ASN B 348 -3.80 -11.13 -27.73
N LEU B 349 -2.90 -10.22 -27.32
CA LEU B 349 -1.70 -9.92 -28.10
C LEU B 349 -0.57 -10.87 -27.79
N LYS B 350 -0.55 -11.42 -26.57
CA LYS B 350 0.44 -12.40 -26.16
C LYS B 350 -0.15 -13.24 -25.03
N THR B 351 0.15 -14.54 -25.06
CA THR B 351 -0.07 -15.40 -23.91
C THR B 351 1.23 -16.12 -23.60
N GLY B 352 1.31 -16.64 -22.38
CA GLY B 352 2.50 -17.37 -22.02
C GLY B 352 2.30 -18.13 -20.73
N LYS B 353 3.36 -18.83 -20.35
CA LYS B 353 3.35 -19.66 -19.16
C LYS B 353 4.78 -19.76 -18.64
N TYR B 354 4.92 -19.60 -17.33
CA TYR B 354 6.19 -19.71 -16.63
C TYR B 354 6.18 -20.90 -15.69
N ALA B 355 7.36 -21.48 -15.49
CA ALA B 355 7.57 -22.46 -14.43
C ALA B 355 8.88 -22.27 -13.67
N ARG B 356 9.85 -21.51 -14.21
CA ARG B 356 11.22 -21.46 -13.71
C ARG B 356 11.39 -20.44 -12.59
N MET B 357 10.36 -20.28 -11.76
CA MET B 357 10.41 -19.33 -10.65
C MET B 357 11.52 -19.70 -9.68
N ARG B 358 12.66 -19.04 -9.76
CA ARG B 358 13.86 -19.48 -9.07
C ARG B 358 13.96 -18.90 -7.67
N GLY B 359 14.35 -19.77 -6.73
CA GLY B 359 14.49 -19.38 -5.34
C GLY B 359 13.18 -19.12 -4.63
N ALA B 360 12.08 -19.73 -5.07
CA ALA B 360 10.77 -19.47 -4.48
C ALA B 360 9.84 -20.65 -4.76
N HIS B 361 10.07 -21.76 -4.05
CA HIS B 361 9.17 -22.90 -4.10
C HIS B 361 8.19 -22.93 -2.93
N THR B 362 8.47 -22.16 -1.88
CA THR B 362 7.54 -22.00 -0.77
C THR B 362 7.04 -20.56 -0.60
N ASN B 363 7.26 -19.67 -1.58
CA ASN B 363 6.81 -18.28 -1.48
C ASN B 363 6.09 -17.90 -2.77
N ASP B 364 4.74 -17.98 -2.73
CA ASP B 364 3.85 -17.53 -3.80
C ASP B 364 4.09 -16.09 -4.21
N VAL B 365 4.25 -15.21 -3.23
CA VAL B 365 4.30 -13.79 -3.53
C VAL B 365 5.61 -13.45 -4.22
N LYS B 366 6.71 -14.11 -3.84
CA LYS B 366 7.96 -13.93 -4.56
C LYS B 366 7.85 -14.38 -6.02
N GLN B 367 7.18 -15.51 -6.23
CA GLN B 367 6.98 -16.02 -7.59
C GLN B 367 6.15 -15.05 -8.42
N LEU B 368 5.04 -14.57 -7.85
CA LEU B 368 4.20 -13.62 -8.57
C LEU B 368 4.98 -12.35 -8.89
N THR B 369 5.80 -11.88 -7.94
CA THR B 369 6.59 -10.69 -8.19
C THR B 369 7.57 -10.90 -9.35
N GLU B 370 8.25 -12.03 -9.37
CA GLU B 370 9.15 -12.32 -10.49
CA GLU B 370 9.15 -12.32 -10.49
C GLU B 370 8.37 -12.44 -11.79
N ALA B 371 7.21 -13.10 -11.75
CA ALA B 371 6.37 -13.15 -12.95
C ALA B 371 6.01 -11.75 -13.43
N VAL B 372 5.68 -10.84 -12.51
CA VAL B 372 5.28 -9.50 -12.92
C VAL B 372 6.44 -8.81 -13.64
N GLN B 373 7.66 -8.99 -13.12
CA GLN B 373 8.83 -8.36 -13.74
C GLN B 373 9.12 -8.96 -15.11
N LYS B 374 9.04 -10.29 -15.26
CA LYS B 374 9.32 -10.89 -16.57
C LYS B 374 8.30 -10.46 -17.62
N ILE B 375 7.02 -10.36 -17.24
CA ILE B 375 6.00 -9.93 -18.18
C ILE B 375 6.19 -8.48 -18.59
N THR B 376 6.59 -7.64 -17.65
CA THR B 376 6.86 -6.24 -17.96
C THR B 376 8.02 -6.11 -18.94
N THR B 377 9.12 -6.81 -18.66
CA THR B 377 10.19 -6.70 -19.65
C THR B 377 9.79 -7.27 -21.00
N GLU B 378 8.98 -8.34 -21.10
CA GLU B 378 8.50 -8.79 -22.40
C GLU B 378 7.70 -7.69 -23.09
N SER B 379 6.84 -7.01 -22.34
N SER B 379 6.86 -6.99 -22.34
CA SER B 379 6.03 -5.91 -22.89
CA SER B 379 6.05 -5.93 -22.94
C SER B 379 6.91 -4.76 -23.38
C SER B 379 6.89 -4.73 -23.36
N ILE B 380 7.96 -4.43 -22.63
CA ILE B 380 8.84 -3.34 -23.04
C ILE B 380 9.52 -3.67 -24.37
N VAL B 381 10.02 -4.90 -24.50
CA VAL B 381 10.70 -5.33 -25.72
C VAL B 381 9.76 -5.30 -26.92
N ILE B 382 8.53 -5.80 -26.74
CA ILE B 382 7.65 -5.95 -27.89
C ILE B 382 6.94 -4.64 -28.25
N TRP B 383 6.42 -3.90 -27.26
CA TRP B 383 5.67 -2.69 -27.56
C TRP B 383 6.29 -1.41 -27.03
N GLY B 384 7.41 -1.49 -26.33
CA GLY B 384 7.97 -0.29 -25.73
C GLY B 384 7.17 0.35 -24.62
N LYS B 385 6.28 -0.40 -23.96
CA LYS B 385 5.60 0.19 -22.83
C LYS B 385 5.11 -0.90 -21.90
N THR B 386 4.90 -0.52 -20.61
CA THR B 386 4.54 -1.48 -19.57
C THR B 386 3.03 -1.69 -19.53
N PRO B 387 2.55 -2.86 -19.13
CA PRO B 387 1.11 -3.08 -19.06
C PRO B 387 0.61 -2.79 -17.65
N LYS B 388 -0.72 -2.70 -17.54
CA LYS B 388 -1.39 -2.62 -16.27
C LYS B 388 -1.81 -4.03 -15.86
N PHE B 389 -1.37 -4.44 -14.69
CA PHE B 389 -1.59 -5.81 -14.21
C PHE B 389 -2.87 -5.95 -13.42
N LYS B 390 -3.52 -7.07 -13.63
CA LYS B 390 -4.57 -7.56 -12.75
C LYS B 390 -3.95 -8.70 -11.96
N LEU B 391 -3.71 -8.45 -10.66
CA LEU B 391 -2.94 -9.41 -9.85
C LEU B 391 -3.87 -10.29 -9.02
N PRO B 392 -3.70 -11.62 -9.03
CA PRO B 392 -4.49 -12.54 -8.18
C PRO B 392 -3.89 -12.62 -6.77
N ILE B 393 -4.14 -11.57 -6.00
CA ILE B 393 -3.57 -11.41 -4.66
C ILE B 393 -4.35 -10.32 -3.95
N GLN B 394 -4.52 -10.48 -2.65
CA GLN B 394 -5.08 -9.42 -1.81
C GLN B 394 -4.11 -8.24 -1.76
N LYS B 395 -4.68 -7.04 -1.84
CA LYS B 395 -3.89 -5.80 -1.91
C LYS B 395 -2.88 -5.69 -0.76
N GLU B 396 -3.33 -5.96 0.46
CA GLU B 396 -2.45 -5.81 1.63
C GLU B 396 -1.30 -6.83 1.63
N THR B 397 -1.54 -8.03 1.12
CA THR B 397 -0.45 -9.00 0.99
C THR B 397 0.60 -8.51 -0.02
N TRP B 398 0.14 -8.05 -1.18
CA TRP B 398 1.06 -7.57 -2.21
C TRP B 398 1.84 -6.34 -1.75
N GLU B 399 1.12 -5.37 -1.19
CA GLU B 399 1.76 -4.12 -0.79
C GLU B 399 2.75 -4.32 0.34
N THR B 400 2.56 -5.35 1.15
CA THR B 400 3.50 -5.59 2.25
C THR B 400 4.83 -6.15 1.76
N TRP B 401 4.83 -6.90 0.64
CA TRP B 401 5.98 -7.73 0.31
C TRP B 401 6.68 -7.44 -1.02
N TRP B 402 5.98 -6.89 -2.04
CA TRP B 402 6.56 -6.90 -3.38
C TRP B 402 7.90 -6.16 -3.42
N THR B 403 8.10 -5.14 -2.59
CA THR B 403 9.40 -4.46 -2.61
C THR B 403 10.53 -5.30 -2.05
N GLU B 404 10.26 -6.45 -1.43
CA GLU B 404 11.35 -7.31 -0.97
C GLU B 404 11.92 -8.17 -2.07
N TYR B 405 11.21 -8.32 -3.17
CA TYR B 405 11.64 -9.19 -4.24
C TYR B 405 11.87 -8.44 -5.54
N TRP B 406 11.67 -7.14 -5.55
CA TRP B 406 11.74 -6.37 -6.78
C TRP B 406 13.20 -6.19 -7.18
N GLN B 407 13.47 -6.41 -8.45
CA GLN B 407 14.84 -6.30 -8.96
C GLN B 407 14.94 -5.41 -10.20
N ALA B 408 13.87 -4.74 -10.59
CA ALA B 408 13.86 -3.89 -11.78
C ALA B 408 13.86 -2.43 -11.36
N THR B 409 14.23 -1.57 -12.30
CA THR B 409 14.41 -0.14 -12.08
C THR B 409 13.15 0.66 -12.37
N TRP B 410 12.17 0.06 -13.03
CA TRP B 410 10.87 0.65 -13.31
C TRP B 410 9.82 -0.04 -12.46
N ILE B 411 8.60 0.50 -12.44
CA ILE B 411 7.49 -0.12 -11.70
C ILE B 411 6.21 0.06 -12.51
N PRO B 412 5.53 -1.02 -12.84
CA PRO B 412 4.27 -0.92 -13.60
C PRO B 412 3.12 -0.52 -12.68
N GLU B 413 1.95 -0.35 -13.27
CA GLU B 413 0.71 -0.14 -12.54
C GLU B 413 0.03 -1.49 -12.34
N TRP B 414 -0.80 -1.57 -11.29
CA TRP B 414 -1.47 -2.83 -10.99
C TRP B 414 -2.77 -2.58 -10.26
N GLU B 415 -3.71 -3.51 -10.44
CA GLU B 415 -4.92 -3.63 -9.62
C GLU B 415 -5.04 -5.07 -9.15
N PHE B 416 -6.02 -5.32 -8.29
CA PHE B 416 -6.14 -6.60 -7.60
C PHE B 416 -7.46 -7.31 -7.96
N VAL B 417 -7.35 -8.61 -8.22
CA VAL B 417 -8.49 -9.49 -8.53
C VAL B 417 -8.87 -10.21 -7.25
N ASN B 418 -10.12 -10.04 -6.80
CA ASN B 418 -10.58 -10.63 -5.55
C ASN B 418 -11.61 -11.74 -5.72
N THR B 419 -12.12 -11.96 -6.95
CA THR B 419 -13.02 -13.10 -7.20
C THR B 419 -12.33 -14.09 -8.10
N PRO B 420 -12.36 -15.38 -7.78
CA PRO B 420 -11.58 -16.36 -8.56
C PRO B 420 -12.12 -16.45 -9.98
N PRO B 421 -11.25 -16.29 -10.97
CA PRO B 421 -11.68 -16.45 -12.35
C PRO B 421 -11.97 -17.92 -12.62
N LEU B 422 -13.10 -18.18 -13.27
CA LEU B 422 -13.36 -19.55 -13.69
C LEU B 422 -12.50 -19.94 -14.90
N VAL B 423 -12.01 -18.97 -15.67
CA VAL B 423 -11.17 -19.22 -16.84
CA VAL B 423 -11.19 -19.28 -16.84
C VAL B 423 -9.79 -19.78 -16.49
N LYS B 424 -9.41 -19.76 -15.21
CA LYS B 424 -8.12 -20.34 -14.83
C LYS B 424 -8.00 -21.76 -15.34
N LEU B 425 -9.13 -22.48 -15.29
CA LEU B 425 -9.27 -23.85 -15.77
C LEU B 425 -8.86 -24.01 -17.23
N TRP B 426 -9.05 -22.99 -18.06
CA TRP B 426 -8.87 -23.10 -19.50
CA TRP B 426 -8.82 -23.21 -19.48
C TRP B 426 -7.44 -22.78 -19.95
N TYR B 427 -6.69 -22.01 -19.17
CA TYR B 427 -5.27 -21.79 -19.44
C TYR B 427 -4.39 -22.86 -18.78
N GLN B 428 -4.97 -23.74 -17.98
CA GLN B 428 -4.27 -24.93 -17.47
C GLN B 428 -3.76 -25.79 -18.61
C1 T27 C . 10.71 10.91 22.62
N2 T27 C . 14.42 6.38 22.80
C3 T27 C . 10.41 12.00 24.80
C4 T27 C . 11.67 11.93 25.07
C5 T27 C . 12.64 11.31 24.11
C6 T27 C . 12.18 10.82 22.96
C7 T27 C . 10.25 10.33 21.27
C2 T27 C . 9.87 11.46 23.47
C8 T27 C . 14.10 11.26 24.51
N1 T27 C . 13.08 10.22 22.02
C9 T27 C . 14.70 6.93 21.63
C10 T27 C . 14.27 8.19 21.36
C11 T27 C . 13.56 8.88 22.28
N3 T27 C . 13.29 8.32 23.45
C12 T27 C . 13.74 7.09 23.70
N4 T27 C . 13.48 6.44 24.95
C13 T27 C . 11.84 7.89 28.60
C14 T27 C . 12.64 6.61 28.55
C15 T27 C . 13.14 6.19 27.41
C16 T27 C . 12.90 7.01 26.15
C17 T27 C . 12.20 8.14 26.20
C18 T27 C . 11.63 8.61 27.52
N5 T27 C . 10.89 8.68 30.96
C19 T27 C . 11.29 8.35 29.95
C20 T27 C . 8.17 13.06 25.40
C21 T27 C . 9.55 12.65 25.87
N6 T27 C . 6.87 14.54 27.19
C22 T27 C . 7.44 13.92 26.43
S DMS D . -16.62 -17.23 15.96
O DMS D . -16.17 -18.47 15.25
C1 DMS D . -18.34 -16.84 15.54
C2 DMS D . -16.79 -17.62 17.72
S DMS E . -14.31 -32.87 3.86
O DMS E . -15.02 -32.23 5.02
C1 DMS E . -15.33 -32.61 2.38
C2 DMS E . -12.85 -31.96 3.43
S DMS F . -31.33 -12.42 -10.32
O DMS F . -30.62 -13.40 -9.43
C1 DMS F . -30.85 -12.67 -12.04
C2 DMS F . -33.11 -12.81 -10.41
C1 EDO G . 15.36 27.20 8.16
O1 EDO G . 16.32 27.39 9.22
C2 EDO G . 14.39 26.07 8.49
O2 EDO G . 14.63 25.01 7.57
C1 EDO H . -11.85 -23.26 3.81
O1 EDO H . -12.65 -24.41 3.48
C2 EDO H . -12.48 -22.61 5.04
O2 EDO H . -12.42 -23.56 6.09
MG MG I . -29.66 -22.45 -15.04
C02 V06 J . -20.45 -11.16 8.32
C03 V06 J . -20.20 -12.52 8.39
C05 V06 J . -20.73 -13.29 9.40
C07 V06 J . -21.78 -11.45 10.29
C08 V06 J . -21.28 -10.62 9.31
N01 V06 J . -19.94 -10.38 7.36
N06 V06 J . -21.53 -12.78 10.36
BR04 V06 J . -19.10 -13.30 7.10
C02 V06 K . 17.92 15.78 14.42
C02 V06 K . 17.69 14.77 15.94
C03 V06 K . 17.24 15.67 15.61
C03 V06 K . 17.20 15.88 15.27
C05 V06 K . 17.46 14.63 16.46
C05 V06 K . 17.62 16.17 13.99
C07 V06 K . 19.01 13.77 15.03
C07 V06 K . 19.00 14.36 13.99
C08 V06 K . 18.84 14.78 14.13
C08 V06 K . 18.63 13.99 15.27
N01 V06 K . 17.74 16.78 13.56
N01 V06 K . 17.31 14.44 17.20
N06 V06 K . 18.34 13.68 16.19
N06 V06 K . 18.51 15.43 13.33
BR04 V06 K . 15.98 16.96 16.05
BR04 V06 K . 15.93 16.99 16.09
S SO4 L . -29.97 -15.41 3.08
O1 SO4 L . -29.21 -15.38 1.84
O2 SO4 L . -29.87 -16.74 3.68
O3 SO4 L . -29.45 -14.41 4.02
O4 SO4 L . -31.38 -15.10 2.80
S SO4 M . -18.76 -7.15 9.75
O1 SO4 M . -17.63 -7.84 9.12
O2 SO4 M . -19.48 -8.08 10.60
O3 SO4 M . -18.29 -6.03 10.56
O4 SO4 M . -19.66 -6.65 8.71
S SO4 N . -21.72 -10.98 15.46
O1 SO4 N . -22.14 -12.04 16.32
O2 SO4 N . -20.96 -11.51 14.37
O3 SO4 N . -22.87 -10.29 14.96
O4 SO4 N . -20.91 -10.07 16.20
S DMS O . 22.13 4.49 -5.89
O DMS O . 23.53 4.08 -5.50
C1 DMS O . 22.15 6.20 -6.53
C2 DMS O . 21.58 3.67 -7.38
S DMS P . 9.00 -6.12 3.99
O DMS P . 7.70 -6.12 4.73
C1 DMS P . 9.48 -4.41 3.69
C2 DMS P . 10.29 -6.76 5.10
C1 EDO Q . 16.95 8.19 8.60
O1 EDO Q . 15.96 9.04 9.17
C2 EDO Q . 18.07 8.01 9.60
O2 EDO Q . 17.62 7.12 10.62
C1 EDO R . 2.74 -0.33 -1.07
O1 EDO R . 2.81 -0.94 -2.32
C2 EDO R . 3.98 0.39 -0.77
O2 EDO R . 5.10 -0.46 -0.79
C02 V06 S . 19.73 -6.38 -13.45
C03 V06 S . 19.76 -5.66 -14.61
C05 V06 S . 18.64 -5.52 -15.39
C07 V06 S . 17.45 -6.77 -13.93
C08 V06 S . 18.53 -6.96 -13.09
N01 V06 S . 20.80 -6.55 -12.68
N06 V06 S . 17.49 -6.06 -15.06
BR04 V06 S . 21.33 -4.87 -15.16
C02 V06 T . 19.16 -3.81 -10.40
C03 V06 T . 20.31 -3.06 -10.18
C05 V06 T . 21.08 -3.30 -9.09
C07 V06 T . 19.70 -4.96 -8.41
C08 V06 T . 18.87 -4.81 -9.47
N01 V06 T . 18.34 -3.63 -11.44
N06 V06 T . 20.78 -4.24 -8.20
BR04 V06 T . 20.80 -1.70 -11.36
S SO4 U . -4.10 -23.97 -8.03
O1 SO4 U . -3.72 -25.35 -7.71
O2 SO4 U . -5.20 -23.97 -8.98
O3 SO4 U . -4.47 -23.24 -6.82
O4 SO4 U . -2.97 -23.29 -8.62
#